data_9L8J
#
_entry.id   9L8J
#
_cell.length_a   62.775
_cell.length_b   117.065
_cell.length_c   120.981
_cell.angle_alpha   90.000
_cell.angle_beta   90.000
_cell.angle_gamma   90.000
#
_symmetry.space_group_name_H-M   'P 21 21 21'
#
loop_
_entity.id
_entity.type
_entity.pdbx_description
1 polymer 'Sll0540 protein'
2 polymer 'Sll0540 protein'
3 polymer 'Sll0540 protein'
4 polymer 'Sll0540 protein'
5 non-polymer GLYCEROL
6 non-polymer 'PHOSPHATE ION'
7 water water
#
loop_
_entity_poly.entity_id
_entity_poly.type
_entity_poly.pdbx_seq_one_letter_code
_entity_poly.pdbx_strand_id
1 'polypeptide(L)'
;QVPAGTKVTIDGSTSMVNINEAL(MLY)AQFQQTFPGTVVQTDAQGTD(MLY)GVVNLILG(MLY)VDLSASSRPLTSQE
QAQGLAAVPVASDTIAVMVGRQNPFAGGLTSAQLRDIFTG(MLY)ISNWSEVGGPNNTIQVINRPSESGTQQTFAAQVLQ
GQAFGQGANFQTMPRDATTPIIRALGSNGISYATYGQVENQQTARIVPIDSLSPNQENYPLRRQLFYFY(MLY)TPPSPQ
VEAFLGFATSPQGQQAITNAFE
;
A
2 'polypeptide(L)'
;QVPAGTKVTIDGSTSMVNINEALKAQFQQTFPGTVVQTDAQGTD(MLY)GVVNLILG(MLY)VDLSASSRPLTSQEQAQG
LAAVPVASDTIAVMVGRQNPFAGGLTSAQLRDIFTGKISNWSEVGGPNNTIQVINRPSESGTQQTFAAQVLQGQAFGQGA
NFQTMPRDATTPIIRALGSNGISYATYGQVENQQTARIVPIDSLSPNQENYPLRRQLFYFY(MLY)TPPSPQVEAFLGFA
TSPQGQQAITNAFE
;
B
3 'polypeptide(L)'
;QVPAGTKVTIDGSTSMVNINEAL(MLY)AQFQQTFPGTVVQTDAQGTD(MLY)GVVNLILGKVDLSASSRPLTSQEQAQG
LAAVPVASDTIAVMVGRQNPFAGGLTSAQLRDIFTGKISNWSEVGGPNNTIQVINRPSESGTQQTFAAQVLQGQAFGQGA
NFQTMPRDATTPIIRALGSNGISYATYGQVENQQTARIVPIDSLSPNQENYPLRRQLFYFY(MLY)TPPSPQVEAFLGFA
TSPQGQQAITNAFE
;
C
4 'polypeptide(L)'
;QVPAGTKVTIDGSTSMVNINEAL(MLY)AQFQQTFPGTVVQTDAQGTD(MLY)GVVNLILGKVDLSASSRPLTSQEQAQG
LAAVPVASDTIAVMVGRQNPFAGGLTSAQLRDIFTGKISNWSEVGGPNNTIQVINRPSESGTQQTFAAQVLQGQAFGQGA
NFQTMPRDATTPIIRALGSNGISYATYGQVENQQTARIVPIDSLSPNQENYPLRRQLFYFYKTPPSPQVEAFLGFATSPQ
GQQAITNAFE
;
D
#
# COMPACT_ATOMS: atom_id res chain seq x y z
N VAL A 2 13.43 -18.80 -35.79
CA VAL A 2 14.77 -18.87 -35.21
C VAL A 2 15.55 -19.97 -35.88
N PRO A 3 16.64 -19.62 -36.55
CA PRO A 3 17.41 -20.64 -37.28
C PRO A 3 18.02 -21.66 -36.33
N ALA A 4 18.07 -22.91 -36.79
CA ALA A 4 18.86 -23.91 -36.08
C ALA A 4 20.31 -23.45 -35.99
N GLY A 5 20.96 -23.81 -34.90
CA GLY A 5 22.30 -23.34 -34.59
C GLY A 5 22.35 -21.99 -33.89
N THR A 6 21.21 -21.34 -33.68
CA THR A 6 21.22 -20.11 -32.89
C THR A 6 21.76 -20.40 -31.50
N LYS A 7 22.74 -19.60 -31.06
CA LYS A 7 23.32 -19.71 -29.74
C LYS A 7 23.17 -18.38 -29.03
N VAL A 8 22.66 -18.42 -27.80
CA VAL A 8 22.51 -17.25 -26.97
C VAL A 8 23.31 -17.52 -25.70
N THR A 9 24.19 -16.59 -25.34
CA THR A 9 24.99 -16.73 -24.13
C THR A 9 24.62 -15.65 -23.14
N ILE A 10 24.51 -16.04 -21.86
CA ILE A 10 24.05 -15.16 -20.78
C ILE A 10 25.01 -15.26 -19.62
N ASP A 11 25.31 -14.13 -19.00
CA ASP A 11 26.02 -14.09 -17.72
C ASP A 11 25.38 -12.98 -16.88
N GLY A 12 25.76 -12.89 -15.61
CA GLY A 12 25.34 -11.79 -14.77
C GLY A 12 24.65 -12.26 -13.49
N SER A 13 23.52 -11.62 -13.19
CA SER A 13 22.81 -11.73 -11.92
C SER A 13 22.57 -13.18 -11.48
N THR A 14 22.95 -13.47 -10.23
CA THR A 14 22.56 -14.75 -9.63
C THR A 14 21.10 -14.75 -9.19
N SER A 15 20.53 -13.58 -8.92
CA SER A 15 19.11 -13.51 -8.58
C SER A 15 18.27 -14.06 -9.73
N MET A 16 18.78 -13.96 -10.93
CA MET A 16 18.02 -14.33 -12.12
C MET A 16 18.35 -15.72 -12.64
N VAL A 17 19.10 -16.53 -11.88
CA VAL A 17 19.45 -17.87 -12.34
C VAL A 17 18.22 -18.66 -12.75
N ASN A 18 17.17 -18.64 -11.91
CA ASN A 18 16.00 -19.43 -12.23
C ASN A 18 15.29 -18.90 -13.48
N ILE A 19 15.28 -17.57 -13.67
CA ILE A 19 14.69 -17.00 -14.89
C ILE A 19 15.50 -17.44 -16.12
N ASN A 20 16.83 -17.34 -16.03
CA ASN A 20 17.69 -17.79 -17.12
C ASN A 20 17.39 -19.24 -17.48
N GLU A 21 17.32 -20.11 -16.48
CA GLU A 21 17.12 -21.52 -16.77
C GLU A 21 15.73 -21.80 -17.31
N ALA A 22 14.72 -21.08 -16.81
CA ALA A 22 13.36 -21.27 -17.30
C ALA A 22 13.22 -20.85 -18.75
N LEU A 23 13.80 -19.71 -19.11
CA LEU A 23 13.80 -19.27 -20.51
C LEU A 23 14.62 -20.20 -21.40
N ALA A 25 15.11 -23.44 -20.98
CA ALA A 25 14.33 -24.65 -21.18
C ALA A 25 13.25 -24.47 -22.24
N GLN A 26 12.43 -23.41 -22.12
CA GLN A 26 11.35 -23.23 -23.09
C GLN A 26 11.88 -22.83 -24.45
N PHE A 27 12.93 -22.00 -24.48
CA PHE A 27 13.46 -21.53 -25.76
C PHE A 27 13.98 -22.70 -26.58
N GLN A 28 14.82 -23.53 -25.99
CA GLN A 28 15.36 -24.58 -26.83
C GLN A 28 14.38 -25.76 -27.02
N GLN A 29 13.29 -25.83 -26.25
CA GLN A 29 12.24 -26.79 -26.62
C GLN A 29 11.35 -26.26 -27.73
N THR A 30 11.09 -24.96 -27.74
CA THR A 30 10.25 -24.38 -28.79
C THR A 30 10.99 -24.33 -30.12
N PHE A 31 12.29 -24.07 -30.07
CA PHE A 31 13.10 -23.88 -31.28
C PHE A 31 14.18 -24.95 -31.36
N PRO A 32 13.96 -26.04 -32.10
CA PRO A 32 14.92 -27.14 -32.12
C PRO A 32 16.29 -26.69 -32.61
N GLY A 33 17.34 -27.29 -32.05
CA GLY A 33 18.68 -27.00 -32.48
C GLY A 33 19.28 -25.71 -31.97
N THR A 34 18.57 -25.01 -31.10
CA THR A 34 19.12 -23.79 -30.50
C THR A 34 19.78 -24.12 -29.18
N VAL A 35 20.67 -23.24 -28.76
CA VAL A 35 21.46 -23.44 -27.55
C VAL A 35 21.39 -22.16 -26.74
N VAL A 36 21.06 -22.26 -25.46
CA VAL A 36 21.18 -21.14 -24.54
C VAL A 36 22.19 -21.55 -23.48
N GLN A 37 23.30 -20.82 -23.40
CA GLN A 37 24.33 -21.08 -22.41
C GLN A 37 24.21 -20.02 -21.32
N THR A 38 24.21 -20.47 -20.07
CA THR A 38 23.94 -19.59 -18.94
C THR A 38 25.06 -19.67 -17.92
N ASP A 39 25.43 -18.52 -17.37
CA ASP A 39 26.35 -18.41 -16.24
C ASP A 39 25.81 -17.33 -15.32
N ALA A 40 26.32 -17.29 -14.10
CA ALA A 40 25.83 -16.25 -13.19
C ALA A 40 26.93 -15.92 -12.17
N GLN A 41 27.84 -15.03 -12.56
CA GLN A 41 28.90 -14.59 -11.66
C GLN A 41 28.56 -13.34 -10.89
N GLY A 42 27.35 -12.80 -11.04
CA GLY A 42 26.92 -11.55 -10.47
C GLY A 42 26.70 -10.49 -11.54
N THR A 43 25.79 -9.56 -11.26
CA THR A 43 25.41 -8.56 -12.24
C THR A 43 26.62 -7.87 -12.88
N ASP A 44 27.57 -7.36 -12.08
CA ASP A 44 28.63 -6.57 -12.70
C ASP A 44 29.53 -7.41 -13.60
N GLY A 46 28.52 -9.84 -15.46
CA GLY A 46 27.76 -9.94 -16.71
C GLY A 46 27.90 -8.68 -17.53
N VAL A 47 27.78 -7.52 -16.87
CA VAL A 47 27.92 -6.25 -17.58
C VAL A 47 29.28 -6.15 -18.23
N VAL A 48 30.32 -6.58 -17.51
CA VAL A 48 31.68 -6.54 -18.06
C VAL A 48 31.78 -7.42 -19.29
N ASN A 49 31.27 -8.65 -19.19
CA ASN A 49 31.30 -9.56 -20.33
C ASN A 49 30.48 -9.02 -21.50
N LEU A 50 29.36 -8.37 -21.22
CA LEU A 50 28.54 -7.79 -22.29
C LEU A 50 29.27 -6.65 -23.00
N ILE A 51 29.84 -5.73 -22.23
CA ILE A 51 30.57 -4.61 -22.84
C ILE A 51 31.74 -5.10 -23.68
N LEU A 52 32.42 -6.17 -23.24
CA LEU A 52 33.54 -6.71 -23.98
C LEU A 52 33.11 -7.65 -25.11
N GLY A 53 31.81 -7.92 -25.25
CA GLY A 53 31.32 -8.73 -26.35
C GLY A 53 31.52 -10.22 -26.15
N VAL A 55 29.51 -12.07 -24.02
CA VAL A 55 28.17 -12.69 -23.92
C VAL A 55 27.19 -11.90 -24.75
N ASP A 56 26.07 -12.54 -25.08
CA ASP A 56 25.01 -11.87 -25.84
C ASP A 56 24.12 -11.02 -24.93
N LEU A 57 23.89 -11.47 -23.70
CA LEU A 57 22.98 -10.81 -22.78
C LEU A 57 23.60 -10.83 -21.39
N SER A 58 23.38 -9.77 -20.63
CA SER A 58 23.68 -9.77 -19.21
C SER A 58 22.37 -9.75 -18.43
N ALA A 59 22.19 -10.73 -17.56
CA ALA A 59 21.13 -10.66 -16.58
C ALA A 59 21.53 -9.64 -15.52
N SER A 60 20.63 -8.73 -15.16
CA SER A 60 20.98 -7.70 -14.19
C SER A 60 19.86 -7.47 -13.19
N SER A 61 20.21 -7.43 -11.90
CA SER A 61 19.21 -7.16 -10.87
C SER A 61 19.31 -5.71 -10.35
N ARG A 62 19.83 -4.79 -11.16
CA ARG A 62 19.75 -3.37 -10.85
C ARG A 62 19.71 -2.59 -12.17
N PRO A 63 19.30 -1.33 -12.14
CA PRO A 63 19.11 -0.60 -13.40
C PRO A 63 20.43 -0.32 -14.13
N LEU A 64 20.31 -0.26 -15.45
CA LEU A 64 21.41 0.17 -16.30
C LEU A 64 21.91 1.56 -15.91
N THR A 65 23.22 1.73 -15.80
CA THR A 65 23.76 3.04 -15.46
C THR A 65 23.92 3.90 -16.71
N SER A 66 24.04 5.21 -16.50
CA SER A 66 24.23 6.11 -17.64
C SER A 66 25.53 5.83 -18.38
N GLN A 67 26.59 5.47 -17.65
CA GLN A 67 27.86 5.15 -18.31
C GLN A 67 27.75 3.89 -19.15
N GLU A 68 26.97 2.91 -18.67
CA GLU A 68 26.79 1.68 -19.45
C GLU A 68 25.94 1.94 -20.68
N GLN A 69 24.84 2.70 -20.52
CA GLN A 69 24.00 3.00 -21.67
C GLN A 69 24.77 3.77 -22.73
N ALA A 70 25.71 4.63 -22.30
CA ALA A 70 26.50 5.40 -23.25
C ALA A 70 27.42 4.53 -24.11
N GLN A 71 27.65 3.27 -23.72
CA GLN A 71 28.46 2.36 -24.53
C GLN A 71 27.61 1.51 -25.45
N GLY A 72 26.37 1.90 -25.67
CA GLY A 72 25.51 1.18 -26.60
C GLY A 72 24.72 0.06 -25.99
N LEU A 73 24.45 0.10 -24.69
CA LEU A 73 23.66 -0.93 -24.04
C LEU A 73 22.24 -0.43 -23.86
N ALA A 74 21.32 -1.39 -23.79
CA ALA A 74 19.93 -1.12 -23.47
C ALA A 74 19.47 -2.20 -22.53
N ALA A 75 18.32 -1.98 -21.88
CA ALA A 75 17.81 -2.90 -20.88
C ALA A 75 16.34 -3.20 -21.20
N VAL A 76 15.90 -4.42 -20.88
CA VAL A 76 14.50 -4.77 -20.95
C VAL A 76 14.10 -5.41 -19.62
N PRO A 77 13.10 -4.88 -18.92
CA PRO A 77 12.65 -5.52 -17.68
C PRO A 77 11.84 -6.77 -17.99
N VAL A 78 12.08 -7.85 -17.24
CA VAL A 78 11.34 -9.08 -17.47
C VAL A 78 10.62 -9.59 -16.22
N ALA A 79 10.89 -9.03 -15.05
CA ALA A 79 10.23 -9.50 -13.82
C ALA A 79 10.54 -8.50 -12.73
N SER A 80 9.95 -8.73 -11.57
CA SER A 80 10.31 -7.96 -10.39
C SER A 80 10.46 -8.92 -9.23
N ASP A 81 11.22 -8.51 -8.23
CA ASP A 81 11.34 -9.34 -7.04
C ASP A 81 11.45 -8.45 -5.81
N THR A 82 11.53 -9.09 -4.65
CA THR A 82 11.84 -8.41 -3.41
C THR A 82 13.09 -9.04 -2.83
N ILE A 83 13.75 -8.29 -1.95
CA ILE A 83 15.00 -8.72 -1.32
C ILE A 83 14.68 -9.05 0.13
N ALA A 84 14.83 -10.32 0.48
CA ALA A 84 14.63 -10.80 1.85
C ALA A 84 15.89 -10.58 2.68
N VAL A 85 15.68 -10.28 3.95
CA VAL A 85 16.71 -10.27 4.97
C VAL A 85 16.61 -11.59 5.70
N MET A 86 17.74 -12.24 5.95
CA MET A 86 17.70 -13.60 6.49
C MET A 86 18.69 -13.76 7.62
N VAL A 87 18.32 -14.62 8.58
CA VAL A 87 19.23 -15.16 9.57
C VAL A 87 19.14 -16.69 9.52
N GLY A 88 20.04 -17.33 10.24
CA GLY A 88 20.02 -18.79 10.29
C GLY A 88 18.83 -19.34 11.06
N ARG A 89 18.40 -20.53 10.65
CA ARG A 89 17.37 -21.22 11.41
C ARG A 89 17.84 -21.51 12.82
N GLN A 90 19.16 -21.60 13.03
CA GLN A 90 19.72 -21.84 14.36
C GLN A 90 19.87 -20.58 15.20
N ASN A 91 19.64 -19.42 14.64
CA ASN A 91 19.77 -18.16 15.38
C ASN A 91 18.63 -18.06 16.38
N PRO A 92 18.92 -17.93 17.69
CA PRO A 92 17.82 -17.82 18.66
C PRO A 92 17.04 -16.52 18.56
N PHE A 93 17.55 -15.50 17.86
CA PHE A 93 16.73 -14.32 17.63
C PHE A 93 15.58 -14.68 16.69
N ALA A 94 14.35 -14.47 17.14
CA ALA A 94 13.17 -14.90 16.44
C ALA A 94 12.36 -13.75 15.84
N GLY A 95 12.72 -12.50 16.12
CA GLY A 95 11.87 -11.38 15.78
C GLY A 95 12.13 -10.75 14.44
N GLY A 96 11.63 -9.52 14.29
CA GLY A 96 11.81 -8.75 13.09
C GLY A 96 12.64 -7.51 13.38
N LEU A 97 12.80 -6.68 12.34
CA LEU A 97 13.57 -5.45 12.42
C LEU A 97 12.77 -4.31 11.80
N THR A 98 12.92 -3.11 12.36
CA THR A 98 12.51 -1.93 11.62
C THR A 98 13.54 -1.60 10.54
N SER A 99 13.13 -0.77 9.57
CA SER A 99 14.09 -0.32 8.57
C SER A 99 15.28 0.37 9.21
N ALA A 100 15.04 1.16 10.27
CA ALA A 100 16.14 1.84 10.92
C ALA A 100 17.09 0.85 11.59
N GLN A 101 16.54 -0.16 12.26
CA GLN A 101 17.38 -1.19 12.86
C GLN A 101 18.20 -1.91 11.81
N LEU A 102 17.56 -2.23 10.68
CA LEU A 102 18.26 -2.93 9.61
C LEU A 102 19.43 -2.10 9.11
N ARG A 103 19.20 -0.81 8.86
CA ARG A 103 20.28 0.08 8.43
C ARG A 103 21.36 0.14 9.51
N ASP A 104 20.96 0.28 10.79
CA ASP A 104 21.96 0.36 11.84
C ASP A 104 22.81 -0.90 11.94
N ILE A 105 22.23 -2.08 11.69
CA ILE A 105 23.04 -3.29 11.70
C ILE A 105 24.05 -3.27 10.57
N PHE A 106 23.59 -2.92 9.37
CA PHE A 106 24.51 -3.00 8.24
C PHE A 106 25.47 -1.84 8.17
N THR A 107 25.25 -0.75 8.93
CA THR A 107 26.27 0.25 9.10
C THR A 107 27.19 -0.03 10.29
N GLY A 108 26.83 -0.98 11.16
CA GLY A 108 27.64 -1.27 12.33
C GLY A 108 27.30 -0.47 13.57
N ILE A 110 24.49 -0.84 15.27
CA ILE A 110 24.04 -1.90 16.16
C ILE A 110 24.94 -3.10 15.92
N SER A 111 25.56 -3.65 16.97
CA SER A 111 26.50 -4.75 16.78
C SER A 111 26.23 -5.94 17.68
N ASN A 112 25.14 -5.92 18.45
CA ASN A 112 24.82 -6.98 19.39
C ASN A 112 23.34 -7.30 19.27
N TRP A 113 23.01 -8.60 19.18
CA TRP A 113 21.62 -8.99 19.00
C TRP A 113 20.72 -8.52 20.13
N SER A 114 21.27 -8.28 21.32
CA SER A 114 20.43 -7.84 22.43
C SER A 114 19.82 -6.48 22.16
N GLU A 115 20.43 -5.69 21.27
CA GLU A 115 19.91 -4.36 20.98
C GLU A 115 18.60 -4.44 20.19
N VAL A 116 18.31 -5.58 19.57
CA VAL A 116 17.06 -5.76 18.86
C VAL A 116 16.21 -6.87 19.46
N GLY A 117 16.51 -7.25 20.71
CA GLY A 117 15.71 -8.21 21.44
C GLY A 117 16.20 -9.64 21.42
N GLY A 118 17.37 -9.90 20.85
CA GLY A 118 17.94 -11.22 20.85
C GLY A 118 18.84 -11.41 22.04
N PRO A 119 19.63 -12.47 22.01
CA PRO A 119 20.57 -12.72 23.11
C PRO A 119 21.79 -11.80 23.02
N ASN A 120 22.57 -11.81 24.10
CA ASN A 120 23.79 -11.02 24.20
C ASN A 120 24.89 -11.69 23.39
N ASN A 121 24.88 -11.40 22.09
CA ASN A 121 25.80 -11.99 21.12
C ASN A 121 26.17 -10.96 20.09
N THR A 122 27.42 -10.99 19.65
CA THR A 122 27.84 -10.13 18.56
C THR A 122 27.11 -10.54 17.28
N ILE A 123 26.67 -9.55 16.50
CA ILE A 123 26.08 -9.78 15.20
C ILE A 123 27.21 -9.93 14.18
N GLN A 124 27.15 -10.99 13.38
CA GLN A 124 28.05 -11.16 12.24
C GLN A 124 27.32 -10.73 10.98
N VAL A 125 27.81 -9.69 10.34
CA VAL A 125 27.21 -9.25 9.09
C VAL A 125 27.92 -9.95 7.94
N ILE A 126 27.14 -10.62 7.09
CA ILE A 126 27.66 -11.38 5.97
C ILE A 126 27.21 -10.63 4.74
N ASN A 127 28.13 -10.00 4.05
CA ASN A 127 27.75 -9.13 2.95
C ASN A 127 28.05 -9.79 1.61
N ARG A 128 27.26 -9.40 0.60
CA ARG A 128 27.53 -9.82 -0.75
C ARG A 128 28.64 -8.93 -1.33
N PRO A 129 29.39 -9.43 -2.31
CA PRO A 129 30.46 -8.62 -2.92
C PRO A 129 29.91 -7.54 -3.83
N SER A 130 30.79 -6.61 -4.22
CA SER A 130 30.32 -5.41 -4.90
C SER A 130 29.76 -5.69 -6.30
N GLU A 131 30.11 -6.83 -6.93
CA GLU A 131 29.55 -7.16 -8.24
C GLU A 131 28.08 -7.54 -8.15
N SER A 132 27.55 -7.77 -6.96
CA SER A 132 26.17 -8.19 -6.79
C SER A 132 25.22 -7.01 -6.97
N GLY A 133 24.30 -7.15 -7.92
CA GLY A 133 23.24 -6.15 -8.05
C GLY A 133 22.34 -6.10 -6.84
N THR A 134 22.19 -7.22 -6.13
CA THR A 134 21.44 -7.23 -4.87
C THR A 134 22.14 -6.39 -3.81
N GLN A 135 23.46 -6.51 -3.71
CA GLN A 135 24.23 -5.62 -2.84
C GLN A 135 24.00 -4.16 -3.23
N GLN A 136 24.05 -3.86 -4.53
CA GLN A 136 23.88 -2.48 -4.97
C GLN A 136 22.49 -1.97 -4.64
N THR A 137 21.48 -2.82 -4.80
CA THR A 137 20.10 -2.43 -4.49
C THR A 137 19.91 -2.24 -2.99
N PHE A 138 20.45 -3.15 -2.19
CA PHE A 138 20.37 -3.04 -0.75
C PHE A 138 21.06 -1.75 -0.28
N ALA A 139 22.22 -1.45 -0.85
CA ALA A 139 22.90 -0.22 -0.50
C ALA A 139 22.03 0.99 -0.82
N ALA A 140 21.40 0.99 -2.00
CA ALA A 140 20.58 2.13 -2.39
C ALA A 140 19.33 2.24 -1.53
N GLN A 141 18.64 1.13 -1.28
CA GLN A 141 17.32 1.21 -0.65
C GLN A 141 17.37 1.22 0.87
N VAL A 142 18.40 0.63 1.46
CA VAL A 142 18.53 0.55 2.91
C VAL A 142 19.51 1.60 3.43
N LEU A 143 20.69 1.66 2.83
CA LEU A 143 21.73 2.53 3.34
C LEU A 143 21.53 3.97 2.92
N GLN A 144 20.85 4.21 1.78
CA GLN A 144 20.42 5.55 1.39
C GLN A 144 21.57 6.57 1.45
N GLY A 145 22.69 6.20 0.83
CA GLY A 145 23.82 7.09 0.73
C GLY A 145 24.91 6.88 1.75
N GLN A 146 24.66 6.09 2.78
CA GLN A 146 25.63 5.73 3.80
C GLN A 146 26.42 4.49 3.36
N ALA A 147 27.63 4.35 3.90
CA ALA A 147 28.47 3.21 3.54
C ALA A 147 28.19 2.00 4.41
N PHE A 148 28.44 0.81 3.86
CA PHE A 148 28.44 -0.41 4.66
C PHE A 148 29.50 -0.36 5.76
N GLY A 149 29.20 -1.00 6.89
CA GLY A 149 30.18 -1.13 7.95
C GLY A 149 31.36 -1.99 7.52
N GLN A 150 32.45 -1.85 8.27
CA GLN A 150 33.69 -2.61 8.13
C GLN A 150 34.15 -3.03 9.52
N GLY A 151 35.10 -3.95 9.57
CA GLY A 151 35.62 -4.34 10.87
C GLY A 151 35.44 -5.82 11.15
N ALA A 152 35.76 -6.20 12.38
CA ALA A 152 35.94 -7.61 12.71
C ALA A 152 34.66 -8.41 12.52
N ASN A 153 33.50 -7.76 12.63
CA ASN A 153 32.22 -8.46 12.59
C ASN A 153 31.54 -8.32 11.23
N PHE A 154 32.24 -7.78 10.23
CA PHE A 154 31.75 -7.73 8.86
C PHE A 154 32.58 -8.65 7.98
N GLN A 155 31.92 -9.48 7.18
CA GLN A 155 32.63 -10.28 6.21
C GLN A 155 31.96 -10.13 4.86
N THR A 156 32.75 -9.87 3.81
CA THR A 156 32.24 -9.86 2.45
C THR A 156 32.61 -11.19 1.82
N MET A 157 31.61 -11.91 1.32
CA MET A 157 31.88 -13.20 0.73
C MET A 157 32.65 -13.02 -0.57
N PRO A 158 33.54 -13.96 -0.90
CA PRO A 158 34.35 -13.83 -2.12
C PRO A 158 33.56 -14.10 -3.39
N ARG A 159 32.43 -14.78 -3.31
CA ARG A 159 31.63 -15.10 -4.46
C ARG A 159 30.24 -14.51 -4.26
N ASP A 160 29.63 -14.03 -5.33
CA ASP A 160 28.23 -13.61 -5.29
C ASP A 160 27.40 -14.87 -5.42
N ALA A 161 26.97 -15.43 -4.29
CA ALA A 161 26.26 -16.70 -4.31
C ALA A 161 25.52 -16.84 -3.00
N THR A 162 24.23 -17.18 -3.08
CA THR A 162 23.42 -17.17 -1.87
C THR A 162 23.65 -18.42 -1.01
N THR A 163 23.83 -19.60 -1.60
CA THR A 163 23.95 -20.77 -0.73
C THR A 163 25.18 -20.73 0.18
N PRO A 164 26.37 -20.29 -0.27
CA PRO A 164 27.47 -20.15 0.70
C PRO A 164 27.19 -19.10 1.77
N ILE A 165 26.43 -18.06 1.42
CA ILE A 165 26.04 -17.06 2.41
C ILE A 165 25.14 -17.68 3.46
N ILE A 166 24.15 -18.47 3.01
CA ILE A 166 23.27 -19.13 3.98
C ILE A 166 24.06 -20.01 4.93
N ARG A 167 25.03 -20.77 4.41
CA ARG A 167 25.84 -21.60 5.29
C ARG A 167 26.59 -20.75 6.31
N ALA A 168 27.00 -19.54 5.92
CA ALA A 168 27.84 -18.73 6.80
C ALA A 168 27.04 -18.02 7.87
N LEU A 169 25.71 -17.97 7.74
CA LEU A 169 24.90 -17.27 8.72
C LEU A 169 25.06 -17.88 10.09
N GLY A 170 25.05 -19.20 10.16
CA GLY A 170 25.17 -19.85 11.46
C GLY A 170 24.10 -19.36 12.41
N SER A 171 24.44 -19.34 13.70
CA SER A 171 23.52 -18.92 14.74
C SER A 171 23.56 -17.42 15.00
N ASN A 172 24.50 -16.70 14.40
CA ASN A 172 24.68 -15.30 14.76
C ASN A 172 24.78 -14.33 13.58
N GLY A 173 24.73 -14.79 12.34
CA GLY A 173 24.90 -13.93 11.19
C GLY A 173 23.61 -13.45 10.55
N ILE A 174 23.73 -12.40 9.73
CA ILE A 174 22.59 -11.84 9.01
C ILE A 174 23.06 -11.47 7.62
N SER A 175 22.20 -11.67 6.62
CA SER A 175 22.50 -11.25 5.25
C SER A 175 21.19 -11.00 4.51
N TYR A 176 21.25 -11.04 3.18
CA TYR A 176 20.09 -10.70 2.37
C TYR A 176 20.25 -11.37 1.00
N ALA A 177 19.12 -11.61 0.34
CA ALA A 177 19.10 -12.31 -0.93
C ALA A 177 17.73 -12.15 -1.58
N THR A 178 17.68 -12.37 -2.89
CA THR A 178 16.39 -12.36 -3.57
C THR A 178 15.43 -13.33 -2.88
N TYR A 179 14.18 -12.89 -2.74
CA TYR A 179 13.21 -13.62 -1.93
C TYR A 179 13.05 -15.06 -2.38
N GLY A 180 13.01 -15.29 -3.70
CA GLY A 180 12.82 -16.64 -4.20
C GLY A 180 13.86 -17.63 -3.73
N GLN A 181 15.05 -17.16 -3.38
CA GLN A 181 16.07 -18.12 -2.98
C GLN A 181 15.98 -18.49 -1.50
N VAL A 182 15.10 -17.84 -0.74
CA VAL A 182 14.89 -18.16 0.67
C VAL A 182 13.42 -18.32 1.05
N GLU A 183 12.51 -18.22 0.08
CA GLU A 183 11.07 -18.05 0.34
C GLU A 183 10.48 -19.17 1.21
N ASN A 184 10.91 -20.42 1.01
CA ASN A 184 10.24 -21.48 1.76
C ASN A 184 10.76 -21.63 3.17
N GLN A 185 11.77 -20.82 3.54
CA GLN A 185 12.38 -20.81 4.88
C GLN A 185 12.88 -22.17 5.33
N GLN A 186 13.11 -23.11 4.42
CA GLN A 186 13.66 -24.34 4.94
C GLN A 186 15.18 -24.28 5.09
N THR A 187 15.83 -23.25 4.54
CA THR A 187 17.28 -23.10 4.70
C THR A 187 17.70 -21.91 5.53
N ALA A 188 16.80 -20.98 5.80
CA ALA A 188 17.11 -19.77 6.57
C ALA A 188 15.79 -19.21 7.05
N ARG A 189 15.84 -18.32 8.05
CA ARG A 189 14.64 -17.65 8.52
C ARG A 189 14.59 -16.24 7.96
N ILE A 190 13.45 -15.89 7.38
CA ILE A 190 13.29 -14.56 6.82
C ILE A 190 12.89 -13.60 7.93
N VAL A 191 13.55 -12.46 8.00
CA VAL A 191 13.33 -11.46 9.05
C VAL A 191 12.34 -10.44 8.52
N PRO A 192 11.14 -10.32 9.08
CA PRO A 192 10.22 -9.28 8.61
C PRO A 192 10.79 -7.91 8.90
N ILE A 193 10.56 -6.98 7.98
CA ILE A 193 11.06 -5.61 8.07
C ILE A 193 9.85 -4.69 8.18
N ASP A 194 9.82 -3.88 9.22
CA ASP A 194 8.67 -3.00 9.49
C ASP A 194 7.38 -3.83 9.55
N SER A 195 7.50 -5.01 10.16
CA SER A 195 6.40 -5.95 10.36
C SER A 195 5.84 -6.48 9.03
N LEU A 196 6.65 -6.48 7.98
CA LEU A 196 6.22 -6.94 6.66
C LEU A 196 7.17 -8.01 6.16
N SER A 197 6.60 -9.07 5.57
CA SER A 197 7.39 -10.10 4.94
C SER A 197 7.50 -9.83 3.44
N PRO A 198 8.48 -10.41 2.74
CA PRO A 198 8.74 -9.98 1.34
C PRO A 198 7.64 -10.29 0.35
N ASN A 199 6.61 -11.04 0.73
CA ASN A 199 5.48 -11.25 -0.17
C ASN A 199 4.47 -10.12 -0.10
N GLN A 200 4.65 -9.15 0.80
CA GLN A 200 3.66 -8.11 0.96
C GLN A 200 3.94 -6.92 0.06
N GLU A 201 2.86 -6.31 -0.44
CA GLU A 201 3.00 -5.28 -1.45
C GLU A 201 3.76 -4.08 -0.93
N ASN A 202 3.61 -3.76 0.36
CA ASN A 202 4.32 -2.62 0.89
C ASN A 202 5.67 -2.98 1.52
N TYR A 203 6.12 -4.21 1.36
CA TYR A 203 7.47 -4.57 1.78
C TYR A 203 8.47 -3.66 1.07
N PRO A 204 9.42 -3.05 1.79
CA PRO A 204 10.17 -1.90 1.24
C PRO A 204 11.23 -2.19 0.18
N LEU A 205 11.82 -3.38 0.16
CA LEU A 205 12.98 -3.69 -0.70
C LEU A 205 12.48 -4.40 -1.95
N ARG A 206 12.18 -3.64 -3.01
CA ARG A 206 11.60 -4.19 -4.23
C ARG A 206 12.34 -3.62 -5.43
N ARG A 207 12.39 -4.39 -6.52
CA ARG A 207 13.12 -3.90 -7.70
C ARG A 207 12.70 -4.68 -8.93
N GLN A 208 13.04 -4.14 -10.10
CA GLN A 208 12.88 -4.88 -11.34
C GLN A 208 14.13 -5.70 -11.65
N LEU A 209 13.94 -6.71 -12.51
CA LEU A 209 15.00 -7.57 -13.01
C LEU A 209 15.05 -7.40 -14.53
N PHE A 210 16.27 -7.33 -15.07
CA PHE A 210 16.47 -6.94 -16.46
C PHE A 210 17.34 -7.93 -17.20
N TYR A 211 17.21 -7.93 -18.53
CA TYR A 211 18.30 -8.31 -19.42
C TYR A 211 18.88 -7.06 -20.05
N PHE A 212 20.21 -6.95 -20.04
CA PHE A 212 20.95 -5.95 -20.79
C PHE A 212 21.45 -6.57 -22.09
N TYR A 213 21.48 -5.76 -23.14
CA TYR A 213 22.01 -6.24 -24.41
C TYR A 213 22.65 -5.08 -25.15
N THR A 215 23.06 -2.65 -28.26
CA THR A 215 22.49 -2.07 -29.46
C THR A 215 23.63 -1.80 -30.42
N PRO A 216 23.40 -2.03 -31.71
CA PRO A 216 22.20 -2.64 -32.30
C PRO A 216 22.13 -4.12 -31.96
N PRO A 217 20.94 -4.69 -31.86
CA PRO A 217 20.82 -6.07 -31.38
C PRO A 217 21.20 -7.08 -32.46
N SER A 218 21.94 -8.10 -32.03
CA SER A 218 22.29 -9.21 -32.87
C SER A 218 21.07 -10.06 -33.17
N PRO A 219 21.12 -10.90 -34.21
CA PRO A 219 19.95 -11.75 -34.52
C PRO A 219 19.59 -12.68 -33.38
N GLN A 220 20.60 -13.24 -32.70
CA GLN A 220 20.30 -14.15 -31.61
C GLN A 220 19.66 -13.42 -30.43
N VAL A 221 20.08 -12.17 -30.17
CA VAL A 221 19.44 -11.36 -29.14
C VAL A 221 18.01 -11.02 -29.54
N GLU A 222 17.81 -10.61 -30.79
CA GLU A 222 16.45 -10.33 -31.26
C GLU A 222 15.55 -11.54 -31.07
N ALA A 223 16.06 -12.72 -31.39
CA ALA A 223 15.27 -13.95 -31.22
C ALA A 223 14.95 -14.21 -29.76
N PHE A 224 15.96 -14.16 -28.89
CA PHE A 224 15.76 -14.51 -27.49
C PHE A 224 14.88 -13.50 -26.78
N LEU A 225 15.13 -12.20 -26.97
CA LEU A 225 14.30 -11.22 -26.29
C LEU A 225 12.91 -11.14 -26.89
N GLY A 226 12.78 -11.37 -28.19
CA GLY A 226 11.46 -11.50 -28.78
C GLY A 226 10.67 -12.63 -28.13
N PHE A 227 11.33 -13.75 -27.87
CA PHE A 227 10.67 -14.84 -27.17
C PHE A 227 10.36 -14.44 -25.73
N ALA A 228 11.34 -13.85 -25.05
CA ALA A 228 11.20 -13.58 -23.62
C ALA A 228 10.05 -12.63 -23.33
N THR A 229 9.76 -11.70 -24.22
CA THR A 229 8.71 -10.72 -24.00
C THR A 229 7.37 -11.11 -24.63
N SER A 230 7.30 -12.24 -25.32
CA SER A 230 6.05 -12.78 -25.85
C SER A 230 5.26 -13.41 -24.70
N PRO A 231 3.96 -13.70 -24.90
CA PRO A 231 3.22 -14.41 -23.84
C PRO A 231 3.85 -15.74 -23.46
N GLN A 232 4.41 -16.45 -24.43
CA GLN A 232 5.09 -17.71 -24.14
C GLN A 232 6.34 -17.49 -23.30
N GLY A 233 7.08 -16.41 -23.56
CA GLY A 233 8.22 -16.08 -22.73
C GLY A 233 7.80 -15.68 -21.33
N GLN A 234 6.72 -14.92 -21.23
CA GLN A 234 6.23 -14.53 -19.91
C GLN A 234 5.85 -15.76 -19.09
N GLN A 235 5.25 -16.75 -19.74
CA GLN A 235 4.91 -18.00 -19.05
C GLN A 235 6.15 -18.75 -18.63
N ALA A 236 7.19 -18.76 -19.47
CA ALA A 236 8.44 -19.40 -19.08
C ALA A 236 9.05 -18.70 -17.87
N ILE A 237 9.03 -17.37 -17.87
CA ILE A 237 9.55 -16.62 -16.74
C ILE A 237 8.75 -16.95 -15.49
N THR A 238 7.43 -17.12 -15.63
CA THR A 238 6.62 -17.50 -14.48
C THR A 238 7.10 -18.83 -13.89
N ASN A 239 7.62 -19.73 -14.73
CA ASN A 239 8.07 -21.00 -14.18
C ASN A 239 9.27 -20.85 -13.27
N ALA A 240 9.94 -19.70 -13.29
CA ALA A 240 11.07 -19.46 -12.38
C ALA A 240 10.63 -19.11 -10.98
N PHE A 241 9.34 -18.86 -10.77
CA PHE A 241 8.86 -18.39 -9.47
C PHE A 241 8.32 -19.53 -8.63
N GLU A 242 9.15 -20.55 -8.46
CA GLU A 242 8.93 -21.55 -7.41
C GLU A 242 10.28 -22.05 -6.89
N VAL B 2 -31.80 15.40 6.25
CA VAL B 2 -31.12 14.20 5.80
C VAL B 2 -31.51 13.00 6.67
N PRO B 3 -32.12 12.00 6.05
CA PRO B 3 -32.66 10.87 6.82
C PRO B 3 -31.59 10.10 7.59
N ALA B 4 -32.01 9.47 8.68
CA ALA B 4 -31.12 8.58 9.40
C ALA B 4 -30.95 7.29 8.61
N GLY B 5 -29.73 6.76 8.62
CA GLY B 5 -29.38 5.63 7.78
C GLY B 5 -28.97 5.99 6.38
N THR B 6 -28.97 7.27 6.02
CA THR B 6 -28.48 7.68 4.71
C THR B 6 -27.06 7.15 4.53
N LYS B 7 -26.81 6.49 3.40
CA LYS B 7 -25.52 5.89 3.08
C LYS B 7 -25.03 6.42 1.74
N VAL B 8 -23.79 6.90 1.71
CA VAL B 8 -23.17 7.44 0.51
C VAL B 8 -21.88 6.66 0.26
N THR B 9 -21.69 6.17 -0.97
CA THR B 9 -20.47 5.43 -1.33
C THR B 9 -19.66 6.19 -2.37
N ILE B 10 -18.34 6.20 -2.18
CA ILE B 10 -17.41 6.97 -3.01
C ILE B 10 -16.25 6.05 -3.41
N ASP B 11 -15.83 6.16 -4.66
CA ASP B 11 -14.58 5.56 -5.15
C ASP B 11 -13.94 6.59 -6.06
N GLY B 12 -12.66 6.36 -6.41
CA GLY B 12 -12.01 7.21 -7.37
C GLY B 12 -10.67 7.77 -6.92
N SER B 13 -10.47 9.06 -7.16
CA SER B 13 -9.21 9.78 -6.99
C SER B 13 -8.54 9.51 -5.65
N THR B 14 -7.26 9.10 -5.70
CA THR B 14 -6.43 9.06 -4.50
C THR B 14 -5.99 10.46 -4.07
N SER B 15 -5.94 11.42 -4.99
CA SER B 15 -5.62 12.79 -4.61
C SER B 15 -6.64 13.34 -3.64
N MET B 16 -7.87 12.81 -3.68
CA MET B 16 -8.96 13.32 -2.88
C MET B 16 -9.20 12.52 -1.60
N VAL B 17 -8.26 11.65 -1.21
CA VAL B 17 -8.48 10.83 0.00
C VAL B 17 -8.73 11.71 1.21
N ASN B 18 -7.91 12.74 1.42
CA ASN B 18 -8.08 13.56 2.62
C ASN B 18 -9.39 14.33 2.59
N ILE B 19 -9.79 14.80 1.41
CA ILE B 19 -11.08 15.46 1.27
C ILE B 19 -12.22 14.49 1.54
N ASN B 20 -12.16 13.30 0.93
CA ASN B 20 -13.18 12.28 1.20
C ASN B 20 -13.34 12.02 2.69
N GLU B 21 -12.23 11.82 3.40
CA GLU B 21 -12.33 11.45 4.81
C GLU B 21 -12.81 12.62 5.66
N ALA B 22 -12.38 13.84 5.33
CA ALA B 22 -12.86 15.00 6.08
C ALA B 22 -14.34 15.23 5.87
N LEU B 23 -14.81 15.12 4.62
CA LEU B 23 -16.23 15.28 4.35
C LEU B 23 -17.02 14.13 4.96
N LYS B 24 -16.51 12.90 4.86
CA LYS B 24 -17.14 11.78 5.55
C LYS B 24 -17.27 12.06 7.03
N ALA B 25 -16.20 12.54 7.64
CA ALA B 25 -16.20 12.80 9.08
C ALA B 25 -17.26 13.82 9.45
N GLN B 26 -17.25 14.97 8.77
CA GLN B 26 -18.17 16.04 9.13
C GLN B 26 -19.60 15.72 8.72
N PHE B 27 -19.79 15.03 7.60
CA PHE B 27 -21.13 14.69 7.15
C PHE B 27 -21.83 13.80 8.17
N GLN B 28 -21.16 12.75 8.64
CA GLN B 28 -21.87 11.88 9.56
C GLN B 28 -21.88 12.40 11.01
N GLN B 29 -21.06 13.40 11.35
CA GLN B 29 -21.23 14.07 12.64
C GLN B 29 -22.34 15.12 12.58
N THR B 30 -22.49 15.79 11.43
CA THR B 30 -23.55 16.78 11.27
C THR B 30 -24.91 16.12 11.14
N PHE B 31 -24.96 14.96 10.49
CA PHE B 31 -26.21 14.24 10.25
C PHE B 31 -26.08 12.88 10.94
N PRO B 32 -26.52 12.77 12.20
CA PRO B 32 -26.33 11.53 12.94
C PRO B 32 -27.01 10.34 12.28
N GLY B 33 -26.37 9.19 12.41
CA GLY B 33 -26.88 7.95 11.84
C GLY B 33 -26.62 7.77 10.36
N THR B 34 -25.89 8.69 9.73
CA THR B 34 -25.53 8.50 8.34
C THR B 34 -24.15 7.85 8.26
N VAL B 35 -23.87 7.22 7.12
CA VAL B 35 -22.62 6.50 6.91
C VAL B 35 -22.08 6.88 5.54
N VAL B 36 -20.80 7.24 5.47
CA VAL B 36 -20.11 7.50 4.21
C VAL B 36 -18.99 6.48 4.07
N GLN B 37 -19.06 5.69 2.99
CA GLN B 37 -18.08 4.65 2.69
C GLN B 37 -17.16 5.15 1.58
N THR B 38 -15.85 5.02 1.78
CA THR B 38 -14.89 5.61 0.86
C THR B 38 -13.86 4.59 0.40
N ASP B 39 -13.49 4.68 -0.88
CA ASP B 39 -12.40 3.92 -1.46
C ASP B 39 -11.66 4.84 -2.41
N ALA B 40 -10.45 4.44 -2.80
CA ALA B 40 -9.68 5.31 -3.71
C ALA B 40 -8.74 4.45 -4.57
N GLN B 41 -9.28 3.91 -5.66
CA GLN B 41 -8.45 3.12 -6.56
C GLN B 41 -7.87 3.92 -7.72
N GLY B 42 -8.14 5.22 -7.76
CA GLY B 42 -7.76 6.13 -8.83
C GLY B 42 -8.99 6.60 -9.59
N THR B 43 -8.88 7.80 -10.18
CA THR B 43 -10.03 8.45 -10.81
C THR B 43 -10.78 7.51 -11.77
N ASP B 44 -10.07 6.89 -12.70
CA ASP B 44 -10.80 6.14 -13.73
C ASP B 44 -11.53 4.94 -13.14
N GLY B 46 -12.93 4.87 -10.24
CA GLY B 46 -14.14 5.47 -9.70
C GLY B 46 -15.18 5.73 -10.77
N VAL B 47 -14.73 6.31 -11.89
CA VAL B 47 -15.64 6.57 -13.00
C VAL B 47 -16.28 5.27 -13.49
N VAL B 48 -15.48 4.20 -13.57
CA VAL B 48 -16.03 2.93 -14.02
C VAL B 48 -17.12 2.46 -13.06
N ASN B 49 -16.84 2.52 -11.76
CA ASN B 49 -17.85 2.08 -10.79
C ASN B 49 -19.09 2.98 -10.82
N LEU B 50 -18.91 4.27 -11.07
CA LEU B 50 -20.07 5.17 -11.17
C LEU B 50 -20.94 4.80 -12.35
N ILE B 51 -20.33 4.63 -13.53
CA ILE B 51 -21.10 4.28 -14.73
C ILE B 51 -21.80 2.94 -14.55
N LEU B 52 -21.15 1.97 -13.92
CA LEU B 52 -21.76 0.67 -13.69
C LEU B 52 -22.70 0.66 -12.48
N GLY B 53 -22.73 1.76 -11.71
CA GLY B 53 -23.68 1.92 -10.63
C GLY B 53 -23.35 1.23 -9.33
N VAL B 55 -21.12 2.60 -7.22
CA VAL B 55 -20.94 3.67 -6.24
C VAL B 55 -21.85 4.85 -6.51
N ASP B 56 -22.07 5.68 -5.49
CA ASP B 56 -22.91 6.87 -5.65
C ASP B 56 -22.15 8.01 -6.29
N LEU B 57 -20.87 8.11 -5.97
CA LEU B 57 -20.04 9.23 -6.38
C LEU B 57 -18.67 8.73 -6.77
N SER B 58 -18.10 9.38 -7.77
CA SER B 58 -16.69 9.20 -8.11
C SER B 58 -15.94 10.48 -7.76
N ALA B 59 -14.93 10.35 -6.92
CA ALA B 59 -13.99 11.43 -6.76
C ALA B 59 -13.11 11.45 -7.99
N SER B 60 -12.91 12.62 -8.59
CA SER B 60 -12.09 12.70 -9.79
C SER B 60 -11.16 13.89 -9.71
N SER B 61 -9.90 13.67 -10.06
CA SER B 61 -8.92 14.74 -10.09
C SER B 61 -8.64 15.25 -11.51
N ARG B 62 -9.58 15.07 -12.43
CA ARG B 62 -9.49 15.69 -13.75
C ARG B 62 -10.90 15.94 -14.24
N PRO B 63 -11.08 16.80 -15.24
CA PRO B 63 -12.44 17.16 -15.65
C PRO B 63 -13.21 16.01 -16.30
N LEU B 64 -14.53 16.07 -16.14
CA LEU B 64 -15.44 15.18 -16.84
C LEU B 64 -15.24 15.25 -18.35
N THR B 65 -15.18 14.11 -19.01
CA THR B 65 -15.06 14.12 -20.46
C THR B 65 -16.43 14.19 -21.09
N SER B 66 -16.46 14.61 -22.37
CA SER B 66 -17.72 14.69 -23.09
C SER B 66 -18.37 13.32 -23.26
N GLN B 67 -17.56 12.26 -23.44
CA GLN B 67 -18.15 10.92 -23.54
C GLN B 67 -18.79 10.50 -22.23
N GLU B 68 -18.18 10.86 -21.11
CA GLU B 68 -18.74 10.50 -19.81
C GLU B 68 -20.00 11.29 -19.52
N GLN B 69 -19.98 12.59 -19.81
CA GLN B 69 -21.17 13.38 -19.63
C GLN B 69 -22.32 12.87 -20.49
N ALA B 70 -22.01 12.35 -21.69
CA ALA B 70 -23.04 11.83 -22.58
C ALA B 70 -23.73 10.58 -22.03
N GLN B 71 -23.14 9.93 -21.02
CA GLN B 71 -23.73 8.79 -20.37
C GLN B 71 -24.55 9.18 -19.15
N GLY B 72 -24.92 10.44 -19.03
CA GLY B 72 -25.76 10.86 -17.94
C GLY B 72 -25.01 11.24 -16.70
N LEU B 73 -23.76 11.66 -16.83
CA LEU B 73 -22.95 12.05 -15.67
C LEU B 73 -22.86 13.57 -15.58
N ALA B 74 -22.66 14.04 -14.36
CA ALA B 74 -22.39 15.46 -14.13
C ALA B 74 -21.28 15.56 -13.11
N ALA B 75 -20.71 16.76 -13.01
CA ALA B 75 -19.58 17.01 -12.12
C ALA B 75 -19.84 18.27 -11.31
N VAL B 76 -19.36 18.26 -10.06
CA VAL B 76 -19.34 19.47 -9.25
C VAL B 76 -17.92 19.64 -8.71
N PRO B 77 -17.28 20.79 -8.94
CA PRO B 77 -15.97 21.02 -8.33
C PRO B 77 -16.15 21.30 -6.85
N VAL B 78 -15.27 20.71 -6.04
CA VAL B 78 -15.33 20.90 -4.61
C VAL B 78 -14.06 21.51 -4.03
N ALA B 79 -12.97 21.52 -4.77
CA ALA B 79 -11.69 21.98 -4.24
C ALA B 79 -10.74 22.17 -5.41
N SER B 80 -9.56 22.67 -5.09
CA SER B 80 -8.46 22.75 -6.04
C SER B 80 -7.20 22.26 -5.34
N ASP B 81 -6.24 21.81 -6.14
CA ASP B 81 -4.94 21.46 -5.59
C ASP B 81 -3.88 21.81 -6.63
N THR B 82 -2.63 21.51 -6.27
CA THR B 82 -1.52 21.63 -7.18
C THR B 82 -0.81 20.29 -7.21
N ILE B 83 -0.10 20.03 -8.30
CA ILE B 83 0.62 18.76 -8.48
C ILE B 83 2.09 19.06 -8.29
N ALA B 84 2.69 18.49 -7.25
CA ALA B 84 4.10 18.66 -6.96
C ALA B 84 4.94 17.71 -7.78
N VAL B 85 6.12 18.17 -8.18
CA VAL B 85 7.15 17.32 -8.76
C VAL B 85 8.15 17.02 -7.66
N MET B 86 8.57 15.76 -7.54
CA MET B 86 9.39 15.36 -6.39
C MET B 86 10.56 14.49 -6.82
N VAL B 87 11.67 14.64 -6.11
CA VAL B 87 12.77 13.70 -6.16
C VAL B 87 13.01 13.22 -4.73
N GLY B 88 13.83 12.19 -4.60
CA GLY B 88 14.21 11.70 -3.27
C GLY B 88 15.15 12.68 -2.59
N ARG B 89 15.07 12.73 -1.25
CA ARG B 89 15.93 13.64 -0.50
C ARG B 89 17.41 13.37 -0.71
N GLN B 90 17.78 12.14 -1.09
CA GLN B 90 19.18 11.82 -1.34
C GLN B 90 19.65 12.17 -2.75
N ASN B 91 18.75 12.61 -3.61
CA ASN B 91 19.16 12.94 -4.97
C ASN B 91 20.06 14.17 -4.94
N PRO B 92 21.29 14.10 -5.46
CA PRO B 92 22.16 15.29 -5.43
C PRO B 92 21.68 16.41 -6.31
N PHE B 93 20.72 16.11 -7.20
CA PHE B 93 20.12 17.14 -8.03
C PHE B 93 19.46 18.17 -7.15
N ALA B 94 19.72 19.41 -7.51
CA ALA B 94 19.81 20.49 -6.56
C ALA B 94 18.59 21.40 -6.63
N GLY B 95 18.43 22.15 -7.71
CA GLY B 95 17.45 23.20 -7.82
C GLY B 95 16.13 22.76 -8.40
N GLY B 96 15.56 23.64 -9.23
CA GLY B 96 14.30 23.40 -9.88
C GLY B 96 14.48 23.14 -11.37
N LEU B 97 13.34 23.07 -12.05
CA LEU B 97 13.26 22.77 -13.46
C LEU B 97 12.35 23.79 -14.12
N THR B 98 12.67 24.14 -15.37
CA THR B 98 11.69 24.85 -16.18
C THR B 98 10.61 23.87 -16.67
N SER B 99 9.49 24.43 -17.13
CA SER B 99 8.43 23.61 -17.72
C SER B 99 8.96 22.81 -18.91
N ALA B 100 9.83 23.42 -19.71
CA ALA B 100 10.40 22.73 -20.86
C ALA B 100 11.28 21.57 -20.41
N GLN B 101 12.10 21.78 -19.38
CA GLN B 101 12.93 20.70 -18.85
C GLN B 101 12.07 19.58 -18.30
N LEU B 102 11.02 19.91 -17.56
CA LEU B 102 10.13 18.90 -17.00
C LEU B 102 9.48 18.08 -18.13
N ARG B 103 8.99 18.76 -19.16
CA ARG B 103 8.44 18.06 -20.32
C ARG B 103 9.45 17.11 -20.92
N ASP B 104 10.67 17.59 -21.15
CA ASP B 104 11.68 16.78 -21.80
C ASP B 104 12.08 15.57 -20.96
N ILE B 105 12.07 15.72 -19.63
CA ILE B 105 12.38 14.56 -18.79
C ILE B 105 11.29 13.50 -18.93
N PHE B 106 10.03 13.92 -18.87
CA PHE B 106 8.96 12.94 -18.87
C PHE B 106 8.62 12.37 -20.24
N THR B 107 9.11 12.98 -21.33
CA THR B 107 9.03 12.34 -22.64
C THR B 107 10.23 11.45 -22.94
N GLY B 108 11.26 11.49 -22.10
CA GLY B 108 12.47 10.75 -22.38
C GLY B 108 13.51 11.47 -23.22
N LYS B 109 13.23 12.71 -23.62
CA LYS B 109 14.22 13.44 -24.41
C LYS B 109 15.44 13.82 -23.58
N ILE B 110 15.23 14.11 -22.30
CA ILE B 110 16.31 14.26 -21.34
C ILE B 110 16.28 13.01 -20.46
N SER B 111 17.40 12.30 -20.38
CA SER B 111 17.41 11.08 -19.60
C SER B 111 18.57 11.01 -18.62
N ASN B 112 19.34 12.09 -18.48
CA ASN B 112 20.50 12.11 -17.59
C ASN B 112 20.44 13.39 -16.77
N TRP B 113 20.64 13.26 -15.45
CA TRP B 113 20.56 14.43 -14.59
C TRP B 113 21.57 15.52 -14.97
N SER B 114 22.66 15.17 -15.63
CA SER B 114 23.63 16.18 -16.02
C SER B 114 23.05 17.17 -17.04
N GLU B 115 22.02 16.75 -17.79
CA GLU B 115 21.42 17.63 -18.78
C GLU B 115 20.64 18.77 -18.15
N VAL B 116 20.33 18.69 -16.86
CA VAL B 116 19.69 19.77 -16.13
C VAL B 116 20.55 20.27 -14.97
N GLY B 117 21.86 19.98 -15.03
CA GLY B 117 22.80 20.52 -14.07
C GLY B 117 23.15 19.62 -12.90
N GLY B 118 22.63 18.39 -12.87
CA GLY B 118 22.93 17.46 -11.80
C GLY B 118 24.11 16.56 -12.13
N PRO B 119 24.28 15.49 -11.35
CA PRO B 119 25.38 14.55 -11.61
C PRO B 119 25.10 13.67 -12.82
N ASN B 120 26.14 12.96 -13.25
CA ASN B 120 26.07 12.03 -14.38
C ASN B 120 25.39 10.73 -13.94
N ASN B 121 24.06 10.75 -13.91
CA ASN B 121 23.26 9.59 -13.54
C ASN B 121 22.00 9.57 -14.38
N THR B 122 21.57 8.38 -14.78
CA THR B 122 20.31 8.25 -15.50
C THR B 122 19.14 8.66 -14.63
N ILE B 123 18.18 9.36 -15.22
CA ILE B 123 16.96 9.72 -14.52
C ILE B 123 16.03 8.52 -14.55
N GLN B 124 15.56 8.12 -13.38
CA GLN B 124 14.54 7.07 -13.29
C GLN B 124 13.18 7.76 -13.17
N VAL B 125 12.38 7.67 -14.20
CA VAL B 125 11.06 8.29 -14.14
C VAL B 125 10.08 7.27 -13.58
N ILE B 126 9.38 7.66 -12.52
CA ILE B 126 8.40 6.80 -11.87
C ILE B 126 7.05 7.37 -12.22
N ASN B 127 6.27 6.66 -13.02
CA ASN B 127 5.01 7.18 -13.50
C ASN B 127 3.83 6.58 -12.75
N ARG B 128 2.76 7.37 -12.64
CA ARG B 128 1.52 6.84 -12.10
C ARG B 128 0.79 6.07 -13.21
N PRO B 129 -0.06 5.11 -12.86
CA PRO B 129 -0.80 4.33 -13.88
C PRO B 129 -1.91 5.14 -14.56
N SER B 130 -2.42 4.58 -15.65
CA SER B 130 -3.30 5.37 -16.52
C SER B 130 -4.62 5.74 -15.87
N GLU B 131 -5.05 5.02 -14.83
CA GLU B 131 -6.28 5.38 -14.15
C GLU B 131 -6.17 6.63 -13.30
N SER B 132 -4.96 7.13 -13.10
CA SER B 132 -4.72 8.29 -12.26
C SER B 132 -5.11 9.59 -12.99
N GLY B 133 -6.03 10.34 -12.39
CA GLY B 133 -6.33 11.67 -12.90
C GLY B 133 -5.14 12.60 -12.81
N THR B 134 -4.24 12.36 -11.85
CA THR B 134 -3.01 13.13 -11.76
C THR B 134 -2.11 12.86 -12.96
N GLN B 135 -1.97 11.60 -13.36
CA GLN B 135 -1.27 11.26 -14.59
C GLN B 135 -1.92 11.95 -15.78
N GLN B 136 -3.25 11.94 -15.85
CA GLN B 136 -3.91 12.55 -17.00
C GLN B 136 -3.72 14.06 -16.99
N THR B 137 -3.74 14.69 -15.81
CA THR B 137 -3.54 16.14 -15.71
C THR B 137 -2.11 16.51 -16.07
N PHE B 138 -1.17 15.72 -15.58
CA PHE B 138 0.24 15.97 -15.88
C PHE B 138 0.48 15.85 -17.39
N ALA B 139 -0.09 14.83 -18.02
CA ALA B 139 0.05 14.69 -19.46
C ALA B 139 -0.51 15.90 -20.18
N ALA B 140 -1.69 16.35 -19.76
CA ALA B 140 -2.36 17.45 -20.46
C ALA B 140 -1.62 18.77 -20.27
N GLN B 141 -1.11 19.03 -19.07
CA GLN B 141 -0.51 20.33 -18.79
C GLN B 141 0.97 20.42 -19.12
N VAL B 142 1.68 19.29 -19.11
CA VAL B 142 3.14 19.27 -19.28
C VAL B 142 3.57 18.81 -20.68
N LEU B 143 3.00 17.70 -21.16
CA LEU B 143 3.52 16.99 -22.32
C LEU B 143 3.21 17.62 -23.68
N GLN B 144 2.18 18.46 -23.78
CA GLN B 144 1.87 19.18 -25.02
C GLN B 144 1.70 18.23 -26.21
N GLY B 145 0.92 17.17 -25.99
CA GLY B 145 0.58 16.23 -27.04
C GLY B 145 1.53 15.06 -27.15
N GLN B 146 2.69 15.15 -26.53
CA GLN B 146 3.69 14.11 -26.59
C GLN B 146 3.36 12.99 -25.62
N ALA B 147 3.85 11.80 -25.93
CA ALA B 147 3.61 10.64 -25.09
C ALA B 147 4.64 10.61 -23.97
N PHE B 148 4.26 10.02 -22.85
CA PHE B 148 5.27 9.73 -21.84
C PHE B 148 6.36 8.87 -22.46
N GLY B 149 7.57 9.03 -21.96
CA GLY B 149 8.63 8.17 -22.41
C GLY B 149 8.34 6.72 -22.09
N GLN B 150 8.98 5.87 -22.85
CA GLN B 150 8.90 4.43 -22.70
C GLN B 150 10.34 3.96 -22.62
N GLY B 151 10.53 2.73 -22.25
CA GLY B 151 11.88 2.24 -22.20
C GLY B 151 12.29 2.04 -20.76
N ALA B 152 13.50 1.53 -20.62
CA ALA B 152 13.92 0.91 -19.37
C ALA B 152 13.99 1.86 -18.20
N ASN B 153 14.22 3.16 -18.41
N ASN B 153 14.18 3.16 -18.45
CA ASN B 153 14.30 4.06 -17.25
CA ASN B 153 14.31 4.15 -17.39
C ASN B 153 12.94 4.65 -16.87
C ASN B 153 12.95 4.68 -16.93
N PHE B 154 11.87 4.21 -17.52
CA PHE B 154 10.50 4.56 -17.11
C PHE B 154 9.88 3.35 -16.46
N GLN B 155 9.31 3.54 -15.27
CA GLN B 155 8.56 2.46 -14.66
C GLN B 155 7.20 3.01 -14.27
N THR B 156 6.15 2.30 -14.66
CA THR B 156 4.79 2.66 -14.28
C THR B 156 4.40 1.80 -13.09
N MET B 157 4.02 2.45 -12.00
CA MET B 157 3.66 1.70 -10.82
C MET B 157 2.36 0.94 -11.07
N PRO B 158 2.22 -0.25 -10.48
CA PRO B 158 0.99 -1.03 -10.71
C PRO B 158 -0.21 -0.52 -9.95
N ARG B 159 -0.01 0.26 -8.89
CA ARG B 159 -1.13 0.81 -8.14
C ARG B 159 -1.02 2.33 -8.17
N ASP B 160 -2.16 2.99 -8.21
CA ASP B 160 -2.21 4.45 -8.13
C ASP B 160 -2.11 4.80 -6.66
N ALA B 161 -0.90 5.13 -6.22
CA ALA B 161 -0.65 5.33 -4.80
C ALA B 161 0.65 6.11 -4.65
N THR B 162 0.64 7.15 -3.83
CA THR B 162 1.81 8.00 -3.74
C THR B 162 2.89 7.41 -2.84
N THR B 163 2.52 6.69 -1.78
CA THR B 163 3.54 6.18 -0.86
C THR B 163 4.53 5.24 -1.53
N PRO B 164 4.13 4.27 -2.35
CA PRO B 164 5.13 3.45 -3.05
C PRO B 164 5.99 4.25 -4.01
N ILE B 165 5.44 5.31 -4.59
CA ILE B 165 6.24 6.15 -5.48
C ILE B 165 7.34 6.85 -4.68
N ILE B 166 6.96 7.46 -3.55
CA ILE B 166 7.97 8.13 -2.75
C ILE B 166 9.06 7.16 -2.32
N ARG B 167 8.68 5.95 -1.92
CA ARG B 167 9.68 4.97 -1.52
C ARG B 167 10.60 4.57 -2.68
N ALA B 168 10.12 4.66 -3.92
CA ALA B 168 10.91 4.26 -5.07
C ALA B 168 11.83 5.36 -5.59
N LEU B 169 11.69 6.60 -5.13
CA LEU B 169 12.44 7.71 -5.73
C LEU B 169 13.94 7.51 -5.63
N GLY B 170 14.43 7.07 -4.47
CA GLY B 170 15.86 6.86 -4.30
C GLY B 170 16.65 8.11 -4.62
N SER B 171 17.89 7.90 -5.07
CA SER B 171 18.74 9.03 -5.38
C SER B 171 18.63 9.51 -6.84
N ASN B 172 17.92 8.78 -7.71
CA ASN B 172 17.90 9.12 -9.13
C ASN B 172 16.51 9.25 -9.72
N GLY B 173 15.44 9.04 -8.94
CA GLY B 173 14.09 9.01 -9.48
C GLY B 173 13.38 10.35 -9.40
N ILE B 174 12.35 10.50 -10.22
CA ILE B 174 11.52 11.70 -10.22
C ILE B 174 10.09 11.24 -10.47
N SER B 175 9.12 11.92 -9.85
CA SER B 175 7.72 11.62 -10.08
C SER B 175 6.90 12.84 -9.73
N TYR B 176 5.60 12.64 -9.50
CA TYR B 176 4.68 13.74 -9.24
C TYR B 176 3.48 13.21 -8.46
N ALA B 177 2.87 14.09 -7.68
CA ALA B 177 1.72 13.74 -6.84
C ALA B 177 1.09 15.03 -6.35
N THR B 178 -0.17 14.92 -5.94
CA THR B 178 -0.82 16.07 -5.33
C THR B 178 0.01 16.55 -4.15
N TYR B 179 0.15 17.88 -4.06
CA TYR B 179 1.09 18.50 -3.13
C TYR B 179 0.85 18.04 -1.70
N GLY B 180 -0.42 17.92 -1.30
CA GLY B 180 -0.73 17.54 0.06
C GLY B 180 -0.15 16.21 0.49
N GLN B 181 0.12 15.32 -0.46
CA GLN B 181 0.68 14.01 -0.17
C GLN B 181 2.19 13.98 -0.28
N VAL B 182 2.81 15.12 -0.59
CA VAL B 182 4.26 15.20 -0.62
C VAL B 182 4.80 16.17 0.41
N GLU B 183 4.02 17.16 0.86
CA GLU B 183 4.56 18.21 1.71
C GLU B 183 5.11 17.64 3.01
N ASN B 184 4.37 16.73 3.62
CA ASN B 184 4.68 16.15 4.92
C ASN B 184 5.64 14.99 4.83
N GLN B 185 6.05 14.59 3.62
CA GLN B 185 6.93 13.45 3.45
C GLN B 185 8.35 13.94 3.41
N GLN B 186 9.06 13.72 4.51
CA GLN B 186 10.43 14.16 4.71
C GLN B 186 11.44 13.40 3.87
N THR B 187 11.05 12.29 3.24
CA THR B 187 11.97 11.61 2.34
C THR B 187 11.88 12.11 0.92
N ALA B 188 11.01 13.06 0.65
CA ALA B 188 10.89 13.60 -0.70
C ALA B 188 11.19 15.09 -0.65
N ARG B 189 11.83 15.57 -1.71
CA ARG B 189 12.07 16.99 -1.90
C ARG B 189 11.28 17.47 -3.10
N ILE B 190 10.58 18.57 -2.92
CA ILE B 190 9.76 19.13 -3.97
C ILE B 190 10.63 19.95 -4.91
N VAL B 191 10.44 19.77 -6.21
CA VAL B 191 11.25 20.44 -7.23
C VAL B 191 10.46 21.67 -7.70
N PRO B 192 10.95 22.89 -7.49
CA PRO B 192 10.23 24.05 -8.00
C PRO B 192 10.19 24.03 -9.51
N ILE B 193 9.07 24.48 -10.07
CA ILE B 193 8.86 24.52 -11.50
C ILE B 193 8.75 25.98 -11.91
N ASP B 194 9.62 26.42 -12.82
CA ASP B 194 9.66 27.83 -13.24
C ASP B 194 9.82 28.76 -12.03
N SER B 195 10.67 28.34 -11.09
CA SER B 195 11.00 29.09 -9.88
C SER B 195 9.83 29.24 -8.93
N LEU B 196 8.85 28.35 -9.00
CA LEU B 196 7.65 28.39 -8.17
C LEU B 196 7.47 27.06 -7.47
N SER B 197 7.10 27.11 -6.20
CA SER B 197 6.79 25.90 -5.42
C SER B 197 5.28 25.68 -5.36
N PRO B 198 4.85 24.43 -5.12
CA PRO B 198 3.41 24.10 -5.19
C PRO B 198 2.56 24.73 -4.09
N ASN B 199 3.17 25.26 -3.03
CA ASN B 199 2.39 25.97 -2.02
C ASN B 199 2.14 27.40 -2.46
N GLN B 200 2.77 27.81 -3.56
CA GLN B 200 2.64 29.15 -4.09
C GLN B 200 1.50 29.26 -5.09
N GLU B 201 0.96 30.48 -5.17
CA GLU B 201 -0.26 30.75 -5.89
C GLU B 201 -0.13 30.61 -7.41
N ASN B 202 0.92 31.17 -7.99
CA ASN B 202 1.13 31.16 -9.43
C ASN B 202 1.78 29.89 -9.92
N TYR B 203 1.90 28.89 -9.07
CA TYR B 203 2.47 27.61 -9.48
C TYR B 203 1.69 27.04 -10.68
N PRO B 204 2.37 26.58 -11.74
CA PRO B 204 1.67 26.29 -13.00
C PRO B 204 0.80 25.03 -13.02
N LEU B 205 1.10 24.01 -12.21
CA LEU B 205 0.38 22.74 -12.31
C LEU B 205 -0.71 22.72 -11.24
N ARG B 206 -1.87 23.29 -11.58
CA ARG B 206 -2.97 23.34 -10.64
C ARG B 206 -4.23 22.92 -11.37
N ARG B 207 -5.21 22.46 -10.60
CA ARG B 207 -6.41 21.90 -11.19
C ARG B 207 -7.50 21.90 -10.15
N GLN B 208 -8.73 21.72 -10.62
CA GLN B 208 -9.85 21.49 -9.71
C GLN B 208 -10.02 20.01 -9.43
N LEU B 209 -10.71 19.73 -8.33
CA LEU B 209 -11.06 18.38 -7.89
C LEU B 209 -12.58 18.31 -7.87
N PHE B 210 -13.13 17.18 -8.31
CA PHE B 210 -14.57 17.06 -8.55
C PHE B 210 -15.13 15.83 -7.86
N TYR B 211 -16.45 15.85 -7.64
CA TYR B 211 -17.23 14.62 -7.54
C TYR B 211 -18.07 14.51 -8.81
N PHE B 212 -18.05 13.34 -9.42
CA PHE B 212 -18.95 13.00 -10.51
C PHE B 212 -20.15 12.23 -9.96
N TYR B 213 -21.31 12.44 -10.57
CA TYR B 213 -22.51 11.71 -10.14
C TYR B 213 -23.42 11.49 -11.33
N THR B 215 -26.83 12.07 -13.18
CA THR B 215 -27.95 13.00 -13.20
C THR B 215 -29.18 12.42 -13.87
N PRO B 216 -30.37 12.71 -13.32
CA PRO B 216 -30.61 13.47 -12.07
C PRO B 216 -30.16 12.77 -10.79
N PRO B 217 -29.80 13.54 -9.76
CA PRO B 217 -29.16 12.97 -8.57
C PRO B 217 -30.13 12.27 -7.65
N SER B 218 -29.67 11.15 -7.10
CA SER B 218 -30.39 10.42 -6.05
C SER B 218 -30.42 11.25 -4.77
N PRO B 219 -31.31 10.92 -3.83
CA PRO B 219 -31.39 11.73 -2.58
C PRO B 219 -30.11 11.74 -1.76
N GLN B 220 -29.42 10.62 -1.63
CA GLN B 220 -28.19 10.61 -0.85
C GLN B 220 -27.10 11.43 -1.54
N VAL B 221 -27.09 11.43 -2.87
CA VAL B 221 -26.15 12.27 -3.60
C VAL B 221 -26.46 13.74 -3.39
N GLU B 222 -27.75 14.12 -3.48
CA GLU B 222 -28.12 15.52 -3.26
C GLU B 222 -27.69 15.98 -1.87
N ALA B 223 -27.90 15.14 -0.86
CA ALA B 223 -27.53 15.49 0.51
C ALA B 223 -26.03 15.68 0.63
N PHE B 224 -25.25 14.71 0.14
CA PHE B 224 -23.80 14.77 0.33
C PHE B 224 -23.17 15.90 -0.48
N LEU B 225 -23.58 16.07 -1.75
CA LEU B 225 -22.98 17.13 -2.55
C LEU B 225 -23.44 18.51 -2.07
N GLY B 226 -24.69 18.61 -1.62
CA GLY B 226 -25.14 19.83 -0.97
C GLY B 226 -24.30 20.17 0.24
N PHE B 227 -23.97 19.16 1.05
CA PHE B 227 -23.04 19.40 2.15
C PHE B 227 -21.65 19.75 1.63
N ALA B 228 -21.15 19.00 0.65
CA ALA B 228 -19.76 19.17 0.23
C ALA B 228 -19.50 20.58 -0.29
N THR B 229 -20.49 21.20 -0.93
CA THR B 229 -20.33 22.54 -1.49
C THR B 229 -20.84 23.63 -0.57
N SER B 230 -21.39 23.27 0.60
CA SER B 230 -21.83 24.26 1.59
C SER B 230 -20.62 24.91 2.25
N PRO B 231 -20.81 26.04 2.94
CA PRO B 231 -19.66 26.60 3.68
C PRO B 231 -19.05 25.60 4.65
N GLN B 232 -19.86 24.77 5.30
CA GLN B 232 -19.32 23.78 6.24
C GLN B 232 -18.49 22.71 5.51
N GLY B 233 -18.91 22.33 4.31
CA GLY B 233 -18.08 21.42 3.53
C GLY B 233 -16.78 22.07 3.10
N GLN B 234 -16.86 23.34 2.71
CA GLN B 234 -15.65 24.03 2.32
C GLN B 234 -14.68 24.15 3.49
N GLN B 235 -15.21 24.38 4.70
CA GLN B 235 -14.35 24.43 5.88
C GLN B 235 -13.72 23.08 6.17
N ALA B 236 -14.49 22.01 6.00
CA ALA B 236 -13.94 20.68 6.22
C ALA B 236 -12.81 20.39 5.26
N ILE B 237 -12.95 20.82 4.00
CA ILE B 237 -11.89 20.63 3.00
C ILE B 237 -10.63 21.41 3.38
N THR B 238 -10.79 22.66 3.84
CA THR B 238 -9.62 23.44 4.24
C THR B 238 -8.86 22.75 5.36
N ASN B 239 -9.59 22.19 6.33
CA ASN B 239 -8.99 21.51 7.48
C ASN B 239 -8.55 20.08 7.21
N ALA B 240 -8.79 19.55 6.02
CA ALA B 240 -8.40 18.18 5.68
C ALA B 240 -6.91 18.02 5.44
N VAL C 2 -20.06 -7.88 -44.65
CA VAL C 2 -18.98 -7.22 -43.94
C VAL C 2 -18.35 -6.13 -44.82
N PRO C 3 -18.58 -4.86 -44.45
CA PRO C 3 -18.03 -3.75 -45.24
C PRO C 3 -16.51 -3.83 -45.34
N ALA C 4 -15.99 -3.55 -46.54
CA ALA C 4 -14.55 -3.55 -46.73
C ALA C 4 -13.91 -2.46 -45.88
N GLY C 5 -12.86 -2.83 -45.15
CA GLY C 5 -12.28 -1.89 -44.20
C GLY C 5 -12.88 -1.94 -42.81
N THR C 6 -13.82 -2.85 -42.56
CA THR C 6 -14.41 -2.99 -41.24
C THR C 6 -13.34 -3.16 -40.17
N LYS C 7 -13.51 -2.39 -39.10
CA LYS C 7 -12.65 -2.46 -37.93
C LYS C 7 -13.53 -2.76 -36.73
N VAL C 8 -13.14 -3.79 -35.97
CA VAL C 8 -13.85 -4.21 -34.78
C VAL C 8 -12.88 -4.11 -33.63
N THR C 9 -13.29 -3.40 -32.58
CA THR C 9 -12.45 -3.23 -31.40
C THR C 9 -13.11 -3.92 -30.21
N ILE C 10 -12.28 -4.63 -29.43
CA ILE C 10 -12.75 -5.43 -28.31
C ILE C 10 -11.89 -5.07 -27.10
N ASP C 11 -12.53 -4.93 -25.94
CA ASP C 11 -11.83 -4.80 -24.68
C ASP C 11 -12.60 -5.60 -23.62
N GLY C 12 -11.99 -5.80 -22.46
CA GLY C 12 -12.70 -6.44 -21.37
C GLY C 12 -11.98 -7.63 -20.75
N SER C 13 -12.75 -8.70 -20.48
CA SER C 13 -12.31 -9.84 -19.68
C SER C 13 -10.94 -10.36 -20.08
N THR C 14 -10.06 -10.53 -19.08
CA THR C 14 -8.81 -11.24 -19.31
C THR C 14 -9.03 -12.73 -19.44
N SER C 15 -10.13 -13.26 -18.88
CA SER C 15 -10.43 -14.67 -19.04
C SER C 15 -10.63 -15.04 -20.51
N MET C 16 -11.03 -14.07 -21.34
CA MET C 16 -11.41 -14.32 -22.72
C MET C 16 -10.31 -13.97 -23.72
N VAL C 17 -9.08 -13.74 -23.25
CA VAL C 17 -8.00 -13.37 -24.17
C VAL C 17 -7.83 -14.42 -25.26
N ASN C 18 -7.80 -15.69 -24.88
CA ASN C 18 -7.57 -16.71 -25.89
C ASN C 18 -8.71 -16.78 -26.88
N ILE C 19 -9.95 -16.58 -26.41
CA ILE C 19 -11.09 -16.53 -27.32
C ILE C 19 -10.99 -15.34 -28.27
N ASN C 20 -10.72 -14.15 -27.73
CA ASN C 20 -10.56 -12.95 -28.56
C ASN C 20 -9.52 -13.18 -29.65
N GLU C 21 -8.36 -13.71 -29.28
CA GLU C 21 -7.30 -13.87 -30.26
C GLU C 21 -7.64 -14.93 -31.29
N ALA C 22 -8.32 -16.00 -30.86
CA ALA C 22 -8.69 -17.04 -31.83
C ALA C 22 -9.70 -16.50 -32.83
N LEU C 23 -10.69 -15.76 -32.36
CA LEU C 23 -11.68 -15.17 -33.25
C LEU C 23 -11.02 -14.11 -34.11
N ALA C 25 -7.96 -13.96 -35.29
CA ALA C 25 -7.18 -14.59 -36.34
C ALA C 25 -8.07 -15.09 -37.46
N GLN C 26 -9.09 -15.87 -37.08
CA GLN C 26 -9.96 -16.47 -38.09
C GLN C 26 -10.83 -15.42 -38.78
N PHE C 27 -11.27 -14.40 -38.04
CA PHE C 27 -12.12 -13.38 -38.65
C PHE C 27 -11.36 -12.63 -39.75
N GLN C 28 -10.16 -12.15 -39.46
CA GLN C 28 -9.46 -11.37 -40.48
C GLN C 28 -8.81 -12.25 -41.54
N GLN C 29 -8.70 -13.57 -41.31
CA GLN C 29 -8.33 -14.47 -42.38
C GLN C 29 -9.52 -14.78 -43.30
N THR C 30 -10.71 -14.89 -42.70
CA THR C 30 -11.93 -15.17 -43.46
C THR C 30 -12.37 -13.93 -44.25
N PHE C 31 -12.21 -12.74 -43.68
CA PHE C 31 -12.60 -11.49 -44.31
C PHE C 31 -11.35 -10.64 -44.50
N PRO C 32 -10.68 -10.77 -45.63
CA PRO C 32 -9.41 -10.06 -45.83
C PRO C 32 -9.57 -8.55 -45.80
N GLY C 33 -8.56 -7.88 -45.26
CA GLY C 33 -8.56 -6.44 -45.15
C GLY C 33 -9.34 -5.88 -43.97
N THR C 34 -9.88 -6.71 -43.10
CA THR C 34 -10.54 -6.24 -41.90
C THR C 34 -9.55 -6.27 -40.74
N VAL C 35 -9.88 -5.52 -39.69
CA VAL C 35 -9.01 -5.35 -38.54
C VAL C 35 -9.83 -5.65 -37.29
N VAL C 36 -9.29 -6.51 -36.43
CA VAL C 36 -9.86 -6.75 -35.11
C VAL C 36 -8.79 -6.37 -34.10
N GLN C 37 -9.06 -5.37 -33.28
CA GLN C 37 -8.13 -4.95 -32.25
C GLN C 37 -8.63 -5.42 -30.91
N THR C 38 -7.74 -6.00 -30.12
CA THR C 38 -8.10 -6.65 -28.87
C THR C 38 -7.29 -6.06 -27.73
N ASP C 39 -7.96 -5.88 -26.59
CA ASP C 39 -7.30 -5.47 -25.36
C ASP C 39 -7.98 -6.24 -24.24
N ALA C 40 -7.38 -6.20 -23.05
CA ALA C 40 -8.04 -6.96 -21.98
C ALA C 40 -7.74 -6.24 -20.66
N GLN C 41 -8.49 -5.19 -20.41
CA GLN C 41 -8.34 -4.45 -19.17
C GLN C 41 -9.26 -4.97 -18.08
N GLY C 42 -9.94 -6.08 -18.31
CA GLY C 42 -10.85 -6.60 -17.30
C GLY C 42 -12.29 -6.32 -17.66
N THR C 43 -13.20 -7.17 -17.16
CA THR C 43 -14.62 -7.06 -17.52
C THR C 43 -15.18 -5.65 -17.29
N ASP C 44 -15.01 -5.10 -16.08
CA ASP C 44 -15.72 -3.83 -15.81
C ASP C 44 -15.23 -2.67 -16.68
N GLY C 46 -13.85 -2.92 -19.59
CA GLY C 46 -14.35 -3.19 -20.93
C GLY C 46 -15.81 -2.77 -21.13
N VAL C 47 -16.69 -3.10 -20.16
CA VAL C 47 -18.10 -2.71 -20.28
C VAL C 47 -18.21 -1.19 -20.37
N VAL C 48 -17.44 -0.48 -19.53
CA VAL C 48 -17.50 0.99 -19.56
C VAL C 48 -16.97 1.53 -20.88
N ASN C 49 -15.87 0.96 -21.41
CA ASN C 49 -15.42 1.43 -22.70
C ASN C 49 -16.47 1.22 -23.78
N LEU C 50 -17.24 0.14 -23.67
CA LEU C 50 -18.35 -0.07 -24.60
C LEU C 50 -19.39 1.03 -24.44
N ILE C 51 -19.78 1.32 -23.20
CA ILE C 51 -20.79 2.35 -22.94
C ILE C 51 -20.30 3.71 -23.42
N LEU C 52 -19.01 4.00 -23.25
CA LEU C 52 -18.49 5.29 -23.67
C LEU C 52 -18.23 5.38 -25.17
N GLY C 53 -18.36 4.29 -25.91
CA GLY C 53 -18.13 4.31 -27.33
C GLY C 53 -16.68 4.16 -27.73
N LYS C 54 -15.82 3.74 -26.81
CA LYS C 54 -14.40 3.54 -27.11
C LYS C 54 -14.13 2.21 -27.81
N VAL C 55 -14.94 1.18 -27.58
CA VAL C 55 -14.82 -0.10 -28.26
C VAL C 55 -16.20 -0.50 -28.80
N ASP C 56 -16.18 -1.45 -29.74
CA ASP C 56 -17.41 -2.01 -30.33
C ASP C 56 -18.02 -3.12 -29.51
N LEU C 57 -17.18 -3.90 -28.84
CA LEU C 57 -17.59 -5.07 -28.09
C LEU C 57 -16.80 -5.12 -26.80
N SER C 58 -17.44 -5.53 -25.71
CA SER C 58 -16.68 -5.85 -24.51
C SER C 58 -16.80 -7.34 -24.21
N ALA C 59 -15.65 -8.00 -24.04
CA ALA C 59 -15.64 -9.36 -23.54
C ALA C 59 -15.96 -9.34 -22.05
N SER C 60 -16.85 -10.22 -21.61
CA SER C 60 -17.24 -10.21 -20.19
C SER C 60 -17.28 -11.63 -19.66
N SER C 61 -16.73 -11.83 -18.47
CA SER C 61 -16.83 -13.14 -17.84
C SER C 61 -17.88 -13.19 -16.73
N ARG C 62 -18.85 -12.31 -16.75
CA ARG C 62 -19.97 -12.37 -15.81
C ARG C 62 -21.22 -11.80 -16.48
N PRO C 63 -22.39 -12.06 -15.92
CA PRO C 63 -23.62 -11.68 -16.63
C PRO C 63 -23.79 -10.17 -16.75
N LEU C 64 -24.40 -9.75 -17.85
CA LEU C 64 -24.87 -8.38 -18.00
C LEU C 64 -25.85 -8.02 -16.89
N THR C 65 -25.64 -6.87 -16.28
CA THR C 65 -26.55 -6.46 -15.23
C THR C 65 -27.72 -5.69 -15.81
N SER C 66 -28.79 -5.59 -15.03
CA SER C 66 -29.93 -4.77 -15.46
C SER C 66 -29.54 -3.31 -15.59
N GLN C 67 -28.61 -2.83 -14.76
CA GLN C 67 -28.13 -1.44 -14.85
C GLN C 67 -27.38 -1.21 -16.18
N GLU C 68 -26.63 -2.22 -16.62
CA GLU C 68 -25.92 -2.13 -17.91
C GLU C 68 -26.88 -2.28 -19.07
N GLN C 69 -27.83 -3.21 -18.96
CA GLN C 69 -28.80 -3.37 -20.01
C GLN C 69 -29.55 -2.06 -20.23
N ALA C 70 -29.80 -1.31 -19.15
CA ALA C 70 -30.55 -0.07 -19.22
C ALA C 70 -29.81 1.02 -19.97
N GLN C 71 -28.51 0.85 -20.20
CA GLN C 71 -27.72 1.79 -20.99
C GLN C 71 -27.63 1.38 -22.44
N GLY C 72 -28.52 0.52 -22.91
CA GLY C 72 -28.56 0.16 -24.30
C GLY C 72 -27.70 -1.01 -24.69
N LEU C 73 -27.38 -1.90 -23.76
CA LEU C 73 -26.52 -3.04 -24.01
C LEU C 73 -27.34 -4.33 -24.11
N ALA C 74 -26.76 -5.30 -24.82
CA ALA C 74 -27.25 -6.67 -24.87
C ALA C 74 -26.05 -7.58 -24.79
N ALA C 75 -26.30 -8.87 -24.52
CA ALA C 75 -25.24 -9.84 -24.34
C ALA C 75 -25.52 -11.08 -25.18
N VAL C 76 -24.46 -11.69 -25.68
CA VAL C 76 -24.55 -12.98 -26.35
C VAL C 76 -23.56 -13.93 -25.69
N PRO C 77 -24.02 -15.09 -25.21
CA PRO C 77 -23.07 -16.07 -24.65
C PRO C 77 -22.30 -16.75 -25.77
N VAL C 78 -20.99 -16.88 -25.59
CA VAL C 78 -20.14 -17.47 -26.62
C VAL C 78 -19.36 -18.68 -26.14
N ALA C 79 -19.27 -18.92 -24.84
CA ALA C 79 -18.47 -20.01 -24.33
C ALA C 79 -18.82 -20.23 -22.86
N SER C 80 -18.26 -21.28 -22.30
CA SER C 80 -18.38 -21.53 -20.87
C SER C 80 -17.00 -21.90 -20.35
N ASP C 81 -16.76 -21.59 -19.09
CA ASP C 81 -15.50 -21.98 -18.49
C ASP C 81 -15.71 -22.28 -17.02
N THR C 82 -14.62 -22.59 -16.35
CA THR C 82 -14.62 -22.78 -14.91
C THR C 82 -13.53 -21.93 -14.30
N ILE C 83 -13.66 -21.68 -13.01
CA ILE C 83 -12.67 -20.92 -12.25
C ILE C 83 -11.95 -21.93 -11.37
N ALA C 84 -10.63 -22.08 -11.62
CA ALA C 84 -9.78 -22.96 -10.83
C ALA C 84 -9.29 -22.24 -9.58
N VAL C 85 -9.21 -22.96 -8.48
CA VAL C 85 -8.52 -22.51 -7.27
C VAL C 85 -7.12 -23.11 -7.32
N MET C 86 -6.12 -22.30 -7.01
CA MET C 86 -4.74 -22.72 -7.19
C MET C 86 -3.91 -22.41 -5.96
N VAL C 87 -2.96 -23.30 -5.68
CA VAL C 87 -1.85 -23.03 -4.79
C VAL C 87 -0.57 -23.29 -5.59
N GLY C 88 0.56 -22.90 -5.02
CA GLY C 88 1.81 -23.17 -5.70
C GLY C 88 2.12 -24.66 -5.68
N ARG C 89 2.81 -25.12 -6.72
CA ARG C 89 3.22 -26.51 -6.75
C ARG C 89 4.13 -26.85 -5.58
N GLN C 90 4.85 -25.86 -5.05
CA GLN C 90 5.73 -26.13 -3.92
C GLN C 90 5.04 -26.02 -2.56
N ASN C 91 3.76 -25.69 -2.53
CA ASN C 91 3.01 -25.67 -1.28
C ASN C 91 2.86 -27.11 -0.81
N PRO C 92 3.31 -27.47 0.40
CA PRO C 92 3.19 -28.88 0.82
C PRO C 92 1.75 -29.32 1.07
N PHE C 93 0.80 -28.40 1.14
CA PHE C 93 -0.60 -28.81 1.19
C PHE C 93 -0.97 -29.49 -0.12
N ALA C 94 -1.44 -30.75 -0.02
CA ALA C 94 -1.62 -31.61 -1.17
C ALA C 94 -3.08 -31.88 -1.52
N GLY C 95 -4.01 -31.72 -0.60
CA GLY C 95 -5.37 -32.17 -0.82
C GLY C 95 -6.27 -31.12 -1.44
N GLY C 96 -7.57 -31.29 -1.22
CA GLY C 96 -8.57 -30.39 -1.73
C GLY C 96 -9.27 -29.66 -0.61
N LEU C 97 -10.29 -28.89 -1.00
CA LEU C 97 -11.05 -28.09 -0.06
C LEU C 97 -12.53 -28.32 -0.31
N THR C 98 -13.31 -28.38 0.76
CA THR C 98 -14.75 -28.26 0.58
C THR C 98 -15.10 -26.82 0.29
N SER C 99 -16.32 -26.60 -0.21
CA SER C 99 -16.80 -25.24 -0.43
C SER C 99 -16.76 -24.44 0.87
N ALA C 100 -17.13 -25.07 1.99
CA ALA C 100 -17.08 -24.39 3.27
C ALA C 100 -15.65 -24.02 3.66
N GLN C 101 -14.70 -24.94 3.49
CA GLN C 101 -13.30 -24.63 3.79
C GLN C 101 -12.78 -23.52 2.90
N LEU C 102 -13.08 -23.57 1.60
CA LEU C 102 -12.64 -22.53 0.68
C LEU C 102 -13.19 -21.18 1.09
N ARG C 103 -14.48 -21.13 1.41
CA ARG C 103 -15.09 -19.89 1.88
C ARG C 103 -14.42 -19.41 3.15
N ASP C 104 -14.21 -20.30 4.12
CA ASP C 104 -13.62 -19.88 5.39
C ASP C 104 -12.21 -19.38 5.21
N ILE C 105 -11.47 -19.91 4.23
CA ILE C 105 -10.16 -19.35 3.93
C ILE C 105 -10.28 -17.94 3.39
N PHE C 106 -11.22 -17.71 2.48
CA PHE C 106 -11.29 -16.38 1.87
C PHE C 106 -11.98 -15.35 2.77
N THR C 107 -12.71 -15.78 3.81
CA THR C 107 -13.21 -14.86 4.84
C THR C 107 -12.23 -14.67 5.98
N GLY C 108 -11.17 -15.48 6.05
CA GLY C 108 -10.25 -15.40 7.15
C GLY C 108 -10.61 -16.22 8.36
N LYS C 109 -11.73 -16.95 8.32
CA LYS C 109 -12.11 -17.79 9.46
C LYS C 109 -11.14 -18.96 9.63
N ILE C 110 -10.58 -19.46 8.54
CA ILE C 110 -9.44 -20.38 8.54
C ILE C 110 -8.23 -19.60 8.05
N SER C 111 -7.16 -19.60 8.83
CA SER C 111 -5.97 -18.84 8.43
C SER C 111 -4.68 -19.65 8.52
N ASN C 112 -4.75 -20.95 8.78
CA ASN C 112 -3.57 -21.79 8.89
C ASN C 112 -3.83 -23.09 8.13
N TRP C 113 -2.86 -23.51 7.31
CA TRP C 113 -3.02 -24.69 6.47
C TRP C 113 -3.26 -25.95 7.29
N SER C 114 -2.81 -25.97 8.55
CA SER C 114 -3.03 -27.16 9.36
C SER C 114 -4.52 -27.39 9.63
N GLU C 115 -5.33 -26.34 9.56
CA GLU C 115 -6.76 -26.46 9.82
C GLU C 115 -7.47 -27.23 8.72
N VAL C 116 -6.86 -27.39 7.55
CA VAL C 116 -7.42 -28.19 6.46
C VAL C 116 -6.52 -29.37 6.11
N GLY C 117 -5.63 -29.77 7.02
CA GLY C 117 -4.81 -30.94 6.82
C GLY C 117 -3.42 -30.69 6.28
N GLY C 118 -3.03 -29.44 6.11
CA GLY C 118 -1.72 -29.11 5.63
C GLY C 118 -0.75 -28.87 6.77
N PRO C 119 0.39 -28.28 6.45
CA PRO C 119 1.40 -27.98 7.46
C PRO C 119 1.00 -26.75 8.29
N ASN C 120 1.73 -26.55 9.39
CA ASN C 120 1.51 -25.43 10.28
C ASN C 120 2.15 -24.18 9.67
N ASN C 121 1.40 -23.54 8.76
CA ASN C 121 1.85 -22.33 8.08
C ASN C 121 0.65 -21.42 7.90
N THR C 122 0.86 -20.12 8.07
CA THR C 122 -0.19 -19.15 7.83
C THR C 122 -0.56 -19.10 6.35
N ILE C 123 -1.86 -19.06 6.06
CA ILE C 123 -2.31 -18.99 4.67
C ILE C 123 -2.22 -17.55 4.17
N GLN C 124 -1.60 -17.37 3.00
CA GLN C 124 -1.58 -16.08 2.31
C GLN C 124 -2.68 -16.08 1.24
N VAL C 125 -3.68 -15.23 1.39
CA VAL C 125 -4.78 -15.16 0.43
C VAL C 125 -4.49 -14.04 -0.57
N ILE C 126 -4.55 -14.38 -1.86
CA ILE C 126 -4.28 -13.42 -2.93
C ILE C 126 -5.59 -13.21 -3.69
N ASN C 127 -6.12 -12.00 -3.61
CA ASN C 127 -7.42 -11.67 -4.18
C ASN C 127 -7.25 -10.89 -5.48
N ARG C 128 -8.20 -11.06 -6.39
CA ARG C 128 -8.27 -10.23 -7.58
C ARG C 128 -8.99 -8.93 -7.25
N PRO C 129 -8.75 -7.86 -8.01
CA PRO C 129 -9.50 -6.62 -7.77
C PRO C 129 -10.93 -6.78 -8.22
N SER C 130 -11.81 -5.92 -7.70
CA SER C 130 -13.24 -6.11 -7.92
C SER C 130 -13.67 -5.80 -9.35
N GLU C 131 -12.86 -5.10 -10.14
CA GLU C 131 -13.19 -4.87 -11.55
C GLU C 131 -13.13 -6.14 -12.38
N SER C 132 -12.55 -7.20 -11.82
CA SER C 132 -12.45 -8.51 -12.47
C SER C 132 -13.77 -9.25 -12.44
N GLY C 133 -14.25 -9.70 -13.60
CA GLY C 133 -15.44 -10.54 -13.63
C GLY C 133 -15.23 -11.88 -12.93
N THR C 134 -14.00 -12.39 -12.95
CA THR C 134 -13.67 -13.59 -12.20
C THR C 134 -13.80 -13.33 -10.70
N GLN C 135 -13.32 -12.19 -10.22
CA GLN C 135 -13.53 -11.84 -8.82
C GLN C 135 -15.01 -11.80 -8.49
N GLN C 136 -15.81 -11.16 -9.35
CA GLN C 136 -17.23 -11.02 -9.05
C GLN C 136 -17.91 -12.38 -9.01
N THR C 137 -17.51 -13.28 -9.91
CA THR C 137 -18.10 -14.62 -9.93
C THR C 137 -17.68 -15.42 -8.72
N PHE C 138 -16.39 -15.33 -8.38
CA PHE C 138 -15.90 -16.03 -7.19
C PHE C 138 -16.60 -15.52 -5.93
N ALA C 139 -16.76 -14.20 -5.81
CA ALA C 139 -17.48 -13.65 -4.64
C ALA C 139 -18.90 -14.19 -4.59
N ALA C 140 -19.57 -14.23 -5.73
CA ALA C 140 -20.96 -14.68 -5.75
C ALA C 140 -21.06 -16.16 -5.41
N GLN C 141 -20.13 -16.96 -5.92
CA GLN C 141 -20.23 -18.41 -5.82
C GLN C 141 -19.63 -18.96 -4.53
N VAL C 142 -18.63 -18.30 -3.97
CA VAL C 142 -17.88 -18.80 -2.83
C VAL C 142 -18.24 -18.07 -1.54
N LEU C 143 -18.16 -16.74 -1.58
CA LEU C 143 -18.35 -16.01 -0.33
C LEU C 143 -19.81 -15.90 0.02
N GLN C 144 -20.68 -15.84 -0.99
CA GLN C 144 -22.13 -15.93 -0.84
C GLN C 144 -22.64 -15.04 0.29
N GLY C 145 -22.27 -13.77 0.25
CA GLY C 145 -22.75 -12.79 1.21
C GLY C 145 -21.84 -12.53 2.38
N GLN C 146 -20.86 -13.40 2.62
CA GLN C 146 -19.90 -13.18 3.68
C GLN C 146 -18.82 -12.23 3.18
N ALA C 147 -18.17 -11.54 4.11
CA ALA C 147 -17.17 -10.57 3.68
C ALA C 147 -15.83 -11.24 3.42
N PHE C 148 -15.07 -10.69 2.45
CA PHE C 148 -13.69 -11.11 2.27
C PHE C 148 -12.89 -10.80 3.54
N GLY C 149 -11.96 -11.68 3.87
CA GLY C 149 -11.10 -11.45 5.01
C GLY C 149 -10.22 -10.23 4.83
N GLN C 150 -9.73 -9.72 5.94
CA GLN C 150 -8.79 -8.60 5.96
C GLN C 150 -7.63 -8.96 6.87
N GLY C 151 -6.57 -8.19 6.78
CA GLY C 151 -5.41 -8.36 7.64
C GLY C 151 -4.16 -8.67 6.84
N ALA C 152 -3.07 -8.89 7.58
CA ALA C 152 -1.77 -8.94 6.94
C ALA C 152 -1.67 -10.09 5.94
N ASN C 153 -2.47 -11.14 6.12
CA ASN C 153 -2.37 -12.31 5.27
C ASN C 153 -3.29 -12.23 4.05
N PHE C 154 -3.99 -11.12 3.86
CA PHE C 154 -4.84 -10.93 2.70
C PHE C 154 -4.29 -9.79 1.88
N GLN C 155 -4.12 -10.01 0.58
CA GLN C 155 -3.73 -8.95 -0.33
C GLN C 155 -4.60 -8.99 -1.55
N THR C 156 -5.04 -7.81 -1.98
CA THR C 156 -5.77 -7.68 -3.23
C THR C 156 -4.82 -7.10 -4.27
N MET C 157 -4.68 -7.80 -5.40
CA MET C 157 -3.76 -7.34 -6.43
C MET C 157 -4.24 -6.02 -7.01
N PRO C 158 -3.33 -5.16 -7.44
CA PRO C 158 -3.75 -3.86 -7.96
C PRO C 158 -4.33 -3.90 -9.36
N ARG C 159 -4.02 -4.93 -10.16
CA ARG C 159 -4.46 -5.03 -11.55
C ARG C 159 -5.10 -6.39 -11.77
N ASP C 160 -5.98 -6.45 -12.77
CA ASP C 160 -6.62 -7.69 -13.16
C ASP C 160 -5.66 -8.47 -14.06
N ALA C 161 -4.89 -9.38 -13.47
CA ALA C 161 -3.84 -10.05 -14.22
C ALA C 161 -3.44 -11.31 -13.48
N THR C 162 -3.46 -12.44 -14.19
CA THR C 162 -3.20 -13.73 -13.57
C THR C 162 -1.71 -14.01 -13.40
N THR C 163 -0.86 -13.54 -14.31
CA THR C 163 0.57 -13.85 -14.20
C THR C 163 1.17 -13.36 -12.89
N PRO C 164 0.93 -12.13 -12.42
CA PRO C 164 1.49 -11.74 -11.12
C PRO C 164 0.97 -12.58 -9.99
N ILE C 165 -0.27 -13.08 -10.08
CA ILE C 165 -0.80 -13.93 -9.03
C ILE C 165 -0.04 -15.26 -8.97
N ILE C 166 0.15 -15.92 -10.10
CA ILE C 166 0.85 -17.20 -10.09
C ILE C 166 2.27 -17.01 -9.55
N ARG C 167 2.94 -15.93 -9.96
CA ARG C 167 4.29 -15.68 -9.46
C ARG C 167 4.31 -15.45 -7.96
N ALA C 168 3.20 -15.00 -7.38
CA ALA C 168 3.12 -14.72 -5.95
C ALA C 168 2.66 -15.88 -5.09
N LEU C 169 2.19 -16.99 -5.68
CA LEU C 169 1.61 -18.06 -4.87
C LEU C 169 2.60 -18.56 -3.82
N GLY C 170 3.86 -18.75 -4.20
CA GLY C 170 4.86 -19.21 -3.23
C GLY C 170 4.47 -20.50 -2.55
N SER C 171 4.94 -20.65 -1.31
CA SER C 171 4.73 -21.87 -0.54
C SER C 171 3.44 -21.85 0.27
N ASN C 172 2.82 -20.71 0.45
CA ASN C 172 1.68 -20.63 1.36
C ASN C 172 0.49 -19.90 0.79
N GLY C 173 0.54 -19.42 -0.46
CA GLY C 173 -0.54 -18.62 -1.00
C GLY C 173 -1.60 -19.44 -1.72
N ILE C 174 -2.79 -18.84 -1.86
CA ILE C 174 -3.91 -19.45 -2.57
C ILE C 174 -4.59 -18.35 -3.37
N SER C 175 -5.05 -18.69 -4.57
CA SER C 175 -5.81 -17.70 -5.34
C SER C 175 -6.70 -18.46 -6.33
N TYR C 176 -7.15 -17.76 -7.37
CA TYR C 176 -8.07 -18.37 -8.32
C TYR C 176 -7.97 -17.63 -9.66
N ALA C 177 -8.35 -18.33 -10.73
CA ALA C 177 -8.28 -17.77 -12.08
C ALA C 177 -9.03 -18.69 -13.02
N THR C 178 -9.37 -18.16 -14.20
CA THR C 178 -9.99 -19.04 -15.19
C THR C 178 -9.08 -20.24 -15.45
N TYR C 179 -9.73 -21.41 -15.60
CA TYR C 179 -9.01 -22.67 -15.69
C TYR C 179 -7.96 -22.65 -16.80
N GLY C 180 -8.28 -22.08 -17.96
CA GLY C 180 -7.34 -22.03 -19.08
C GLY C 180 -6.03 -21.32 -18.78
N GLN C 181 -6.02 -20.40 -17.82
CA GLN C 181 -4.81 -19.65 -17.47
C GLN C 181 -4.04 -20.27 -16.32
N VAL C 182 -4.52 -21.38 -15.78
CA VAL C 182 -3.82 -22.13 -14.74
C VAL C 182 -3.47 -23.52 -15.24
N GLU C 183 -4.21 -24.04 -16.22
CA GLU C 183 -4.11 -25.42 -16.67
C GLU C 183 -2.70 -25.73 -17.16
N ASN C 184 -2.10 -24.84 -17.93
CA ASN C 184 -0.77 -25.05 -18.49
C ASN C 184 0.38 -24.51 -17.63
N GLN C 185 0.10 -23.90 -16.48
CA GLN C 185 1.15 -23.35 -15.62
C GLN C 185 1.66 -24.44 -14.68
N GLN C 186 2.88 -24.93 -14.92
CA GLN C 186 3.37 -26.06 -14.13
C GLN C 186 3.71 -25.68 -12.69
N THR C 187 3.79 -24.40 -12.38
CA THR C 187 4.06 -24.01 -11.00
C THR C 187 2.81 -23.85 -10.17
N ALA C 188 1.62 -24.02 -10.75
CA ALA C 188 0.40 -23.94 -9.98
C ALA C 188 -0.22 -25.34 -9.89
N ARG C 189 -0.80 -25.65 -8.72
CA ARG C 189 -1.55 -26.88 -8.53
C ARG C 189 -3.02 -26.50 -8.42
N ILE C 190 -3.86 -27.14 -9.20
CA ILE C 190 -5.30 -26.87 -9.17
C ILE C 190 -5.92 -27.70 -8.04
N VAL C 191 -6.66 -27.04 -7.16
CA VAL C 191 -7.19 -27.64 -5.94
C VAL C 191 -8.62 -28.11 -6.19
N PRO C 192 -8.91 -29.40 -6.05
CA PRO C 192 -10.30 -29.84 -6.21
C PRO C 192 -11.16 -29.22 -5.11
N ILE C 193 -12.38 -28.83 -5.48
CA ILE C 193 -13.35 -28.23 -4.56
C ILE C 193 -14.52 -29.20 -4.41
N ASP C 194 -14.84 -29.60 -3.17
CA ASP C 194 -15.88 -30.61 -2.91
C ASP C 194 -15.62 -31.90 -3.68
N SER C 195 -14.34 -32.28 -3.80
CA SER C 195 -13.93 -33.49 -4.51
C SER C 195 -14.29 -33.43 -5.99
N LEU C 196 -14.31 -32.23 -6.56
CA LEU C 196 -14.61 -32.04 -7.96
C LEU C 196 -13.49 -31.20 -8.57
N SER C 197 -13.01 -31.62 -9.74
CA SER C 197 -12.00 -30.86 -10.47
C SER C 197 -12.65 -30.07 -11.60
N PRO C 198 -11.97 -29.05 -12.12
CA PRO C 198 -12.65 -28.14 -13.07
C PRO C 198 -13.11 -28.78 -14.36
N ASN C 199 -12.61 -29.96 -14.73
CA ASN C 199 -13.10 -30.62 -15.94
C ASN C 199 -14.33 -31.47 -15.73
N GLN C 200 -14.84 -31.55 -14.50
CA GLN C 200 -16.00 -32.38 -14.22
C GLN C 200 -17.28 -31.57 -14.38
N GLU C 201 -18.35 -32.26 -14.77
CA GLU C 201 -19.59 -31.59 -15.20
C GLU C 201 -20.21 -30.74 -14.12
N ASN C 202 -20.15 -31.18 -12.86
CA ASN C 202 -20.77 -30.46 -11.77
C ASN C 202 -19.77 -29.72 -10.88
N TYR C 203 -18.56 -29.48 -11.37
CA TYR C 203 -17.62 -28.61 -10.66
C TYR C 203 -18.32 -27.30 -10.30
N PRO C 204 -18.21 -26.84 -9.05
CA PRO C 204 -19.14 -25.77 -8.61
C PRO C 204 -18.84 -24.41 -9.21
N LEU C 205 -17.60 -24.10 -9.57
CA LEU C 205 -17.27 -22.75 -10.00
C LEU C 205 -17.25 -22.73 -11.52
N ARG C 206 -18.44 -22.65 -12.11
CA ARG C 206 -18.57 -22.70 -13.55
C ARG C 206 -19.44 -21.51 -13.99
N ARG C 207 -19.22 -21.05 -15.22
CA ARG C 207 -19.89 -19.82 -15.64
C ARG C 207 -19.86 -19.75 -17.16
N GLN C 208 -20.67 -18.83 -17.70
CA GLN C 208 -20.68 -18.48 -19.12
C GLN C 208 -19.75 -17.29 -19.40
N LEU C 209 -19.33 -17.18 -20.67
CA LEU C 209 -18.52 -16.08 -21.16
C LEU C 209 -19.28 -15.41 -22.28
N PHE C 210 -19.23 -14.07 -22.32
CA PHE C 210 -20.11 -13.30 -23.18
C PHE C 210 -19.34 -12.25 -23.97
N TYR C 211 -19.95 -11.79 -25.07
CA TYR C 211 -19.68 -10.47 -25.61
C TYR C 211 -20.88 -9.56 -25.34
N PHE C 212 -20.61 -8.35 -24.84
CA PHE C 212 -21.60 -7.30 -24.73
C PHE C 212 -21.50 -6.37 -25.94
N TYR C 213 -22.65 -5.84 -26.35
CA TYR C 213 -22.68 -4.89 -27.45
C TYR C 213 -23.83 -3.89 -27.27
N THR C 215 -27.18 -1.95 -28.47
CA THR C 215 -28.36 -2.21 -29.31
C THR C 215 -28.95 -0.93 -29.84
N PRO C 216 -29.44 -0.94 -31.09
CA PRO C 216 -29.35 -2.01 -32.10
C PRO C 216 -27.92 -2.09 -32.60
N PRO C 217 -27.45 -3.25 -33.05
CA PRO C 217 -26.02 -3.40 -33.31
C PRO C 217 -25.56 -2.70 -34.58
N SER C 218 -24.37 -2.11 -34.50
CA SER C 218 -23.73 -1.51 -35.65
C SER C 218 -23.34 -2.59 -36.65
N PRO C 219 -23.05 -2.20 -37.90
CA PRO C 219 -22.70 -3.22 -38.91
C PRO C 219 -21.48 -4.05 -38.54
N GLN C 220 -20.46 -3.44 -37.95
CA GLN C 220 -19.27 -4.20 -37.57
C GLN C 220 -19.57 -5.16 -36.42
N VAL C 221 -20.46 -4.78 -35.50
CA VAL C 221 -20.86 -5.70 -34.43
C VAL C 221 -21.62 -6.89 -35.01
N GLU C 222 -22.57 -6.63 -35.90
CA GLU C 222 -23.35 -7.72 -36.50
C GLU C 222 -22.44 -8.73 -37.19
N ALA C 223 -21.43 -8.24 -37.93
CA ALA C 223 -20.53 -9.11 -38.66
C ALA C 223 -19.72 -9.99 -37.72
N PHE C 224 -19.10 -9.39 -36.69
CA PHE C 224 -18.22 -10.18 -35.84
C PHE C 224 -19.01 -11.19 -35.01
N LEU C 225 -20.15 -10.78 -34.44
CA LEU C 225 -20.90 -11.71 -33.61
C LEU C 225 -21.54 -12.80 -34.45
N GLY C 226 -21.96 -12.46 -35.67
CA GLY C 226 -22.40 -13.48 -36.60
C GLY C 226 -21.32 -14.51 -36.86
N PHE C 227 -20.07 -14.07 -37.01
CA PHE C 227 -18.97 -15.01 -37.16
C PHE C 227 -18.77 -15.81 -35.88
N ALA C 228 -18.73 -15.13 -34.73
CA ALA C 228 -18.40 -15.79 -33.48
C ALA C 228 -19.41 -16.89 -33.13
N THR C 229 -20.67 -16.70 -33.51
CA THR C 229 -21.72 -17.66 -33.21
C THR C 229 -21.98 -18.62 -34.36
N SER C 230 -21.32 -18.41 -35.50
CA SER C 230 -21.45 -19.34 -36.61
C SER C 230 -20.70 -20.63 -36.27
N PRO C 231 -20.93 -21.71 -37.01
CA PRO C 231 -20.11 -22.91 -36.78
C PRO C 231 -18.63 -22.64 -36.93
N GLN C 232 -18.21 -21.81 -37.88
CA GLN C 232 -16.78 -21.55 -38.02
C GLN C 232 -16.26 -20.79 -36.81
N GLY C 233 -17.04 -19.84 -36.30
CA GLY C 233 -16.63 -19.13 -35.09
C GLY C 233 -16.61 -20.04 -33.87
N GLN C 234 -17.62 -20.90 -33.73
CA GLN C 234 -17.61 -21.86 -32.63
C GLN C 234 -16.41 -22.79 -32.74
N GLN C 235 -16.03 -23.15 -33.97
CA GLN C 235 -14.84 -23.97 -34.15
C GLN C 235 -13.59 -23.23 -33.68
N ALA C 236 -13.48 -21.93 -34.00
CA ALA C 236 -12.32 -21.17 -33.53
C ALA C 236 -12.31 -21.09 -32.00
N ILE C 237 -13.47 -20.84 -31.41
CA ILE C 237 -13.59 -20.76 -29.96
C ILE C 237 -13.28 -22.11 -29.32
N THR C 238 -13.75 -23.20 -29.92
CA THR C 238 -13.45 -24.51 -29.38
C THR C 238 -11.95 -24.79 -29.37
N ASN C 239 -11.25 -24.43 -30.44
CA ASN C 239 -9.81 -24.67 -30.50
C ASN C 239 -9.02 -23.71 -29.63
N ALA C 240 -9.65 -22.68 -29.08
CA ALA C 240 -8.96 -21.77 -28.19
C ALA C 240 -8.83 -22.39 -26.80
N GLY D 5 -2.31 43.17 38.48
CA GLY D 5 -0.99 42.76 38.04
C GLY D 5 -0.59 41.37 38.51
N THR D 6 -1.48 40.71 39.26
CA THR D 6 -1.22 39.34 39.68
C THR D 6 -0.96 38.46 38.47
N LYS D 7 0.14 37.70 38.52
CA LYS D 7 0.54 36.82 37.44
C LYS D 7 0.73 35.40 37.95
N VAL D 8 0.12 34.44 37.26
CA VAL D 8 0.22 33.02 37.58
C VAL D 8 0.73 32.27 36.36
N THR D 9 1.78 31.48 36.53
CA THR D 9 2.34 30.71 35.43
C THR D 9 2.17 29.22 35.71
N ILE D 10 1.77 28.48 34.66
CA ILE D 10 1.44 27.07 34.76
C ILE D 10 2.16 26.32 33.65
N ASP D 11 2.70 25.14 33.99
CA ASP D 11 3.23 24.21 33.00
C ASP D 11 2.79 22.81 33.43
N GLY D 12 2.98 21.82 32.54
CA GLY D 12 2.71 20.44 32.92
C GLY D 12 1.79 19.65 32.00
N SER D 13 0.86 18.92 32.61
CA SER D 13 0.01 17.94 31.94
C SER D 13 -0.61 18.46 30.65
N THR D 14 -0.44 17.71 29.54
CA THR D 14 -1.20 17.99 28.34
C THR D 14 -2.65 17.55 28.47
N SER D 15 -2.94 16.61 29.38
CA SER D 15 -4.34 16.22 29.61
C SER D 15 -5.18 17.37 30.14
N MET D 16 -4.54 18.34 30.79
CA MET D 16 -5.21 19.43 31.47
C MET D 16 -5.23 20.73 30.68
N VAL D 17 -4.85 20.71 29.40
CA VAL D 17 -4.80 21.95 28.63
C VAL D 17 -6.14 22.66 28.66
N ASN D 18 -7.23 21.93 28.43
CA ASN D 18 -8.54 22.58 28.39
C ASN D 18 -8.94 23.14 29.74
N ILE D 19 -8.58 22.45 30.83
CA ILE D 19 -8.82 22.98 32.17
C ILE D 19 -8.01 24.26 32.40
N ASN D 20 -6.72 24.22 32.07
CA ASN D 20 -5.88 25.41 32.20
C ASN D 20 -6.48 26.59 31.46
N GLU D 21 -6.89 26.39 30.20
CA GLU D 21 -7.40 27.49 29.40
C GLU D 21 -8.72 28.01 29.93
N ALA D 22 -9.59 27.12 30.40
CA ALA D 22 -10.88 27.55 30.93
C ALA D 22 -10.70 28.35 32.21
N LEU D 23 -9.83 27.88 33.10
CA LEU D 23 -9.56 28.58 34.33
C LEU D 23 -8.86 29.90 34.03
N ALA D 25 -9.11 31.73 31.32
CA ALA D 25 -10.11 32.63 30.73
C ALA D 25 -10.99 33.25 31.81
N GLN D 26 -11.57 32.39 32.65
CA GLN D 26 -12.52 32.85 33.65
C GLN D 26 -11.83 33.60 34.78
N PHE D 27 -10.61 33.18 35.15
CA PHE D 27 -9.89 33.84 36.24
C PHE D 27 -9.58 35.29 35.90
N GLN D 28 -9.02 35.54 34.72
CA GLN D 28 -8.62 36.90 34.38
C GLN D 28 -9.79 37.78 33.96
N GLN D 29 -10.94 37.19 33.61
CA GLN D 29 -12.13 38.01 33.43
C GLN D 29 -12.82 38.31 34.75
N THR D 30 -12.78 37.37 35.70
CA THR D 30 -13.39 37.61 37.01
C THR D 30 -12.58 38.62 37.81
N PHE D 31 -11.25 38.57 37.68
CA PHE D 31 -10.35 39.47 38.40
C PHE D 31 -9.59 40.28 37.37
N PRO D 32 -10.09 41.46 36.99
CA PRO D 32 -9.44 42.23 35.93
C PRO D 32 -8.01 42.58 36.31
N GLY D 33 -7.15 42.67 35.29
CA GLY D 33 -5.76 43.00 35.49
C GLY D 33 -4.88 41.84 35.92
N THR D 34 -5.42 40.63 35.98
CA THR D 34 -4.62 39.45 36.29
C THR D 34 -4.19 38.77 35.00
N VAL D 35 -3.10 38.00 35.11
CA VAL D 35 -2.48 37.35 33.96
C VAL D 35 -2.25 35.89 34.32
N VAL D 36 -2.72 34.98 33.46
CA VAL D 36 -2.44 33.56 33.60
C VAL D 36 -1.72 33.09 32.34
N GLN D 37 -0.50 32.59 32.50
CA GLN D 37 0.31 32.05 31.42
C GLN D 37 0.31 30.53 31.52
N THR D 38 0.08 29.84 30.40
CA THR D 38 -0.06 28.39 30.39
C THR D 38 0.89 27.77 29.36
N ASP D 39 1.46 26.62 29.71
CA ASP D 39 2.24 25.79 28.81
C ASP D 39 1.89 24.34 29.13
N ALA D 40 2.28 23.41 28.26
CA ALA D 40 1.96 22.00 28.56
C ALA D 40 3.07 21.11 27.98
N GLN D 41 4.16 20.99 28.73
CA GLN D 41 5.26 20.13 28.31
C GLN D 41 5.14 18.72 28.88
N GLY D 42 4.02 18.40 29.52
CA GLY D 42 3.89 17.08 30.10
C GLY D 42 4.03 17.14 31.62
N THR D 43 3.39 16.20 32.31
CA THR D 43 3.38 16.25 33.77
C THR D 43 4.79 16.36 34.36
N ASP D 44 5.69 15.45 34.00
CA ASP D 44 6.99 15.41 34.68
C ASP D 44 7.82 16.68 34.46
N GLY D 46 6.64 19.61 33.81
CA GLY D 46 5.97 20.64 34.59
C GLY D 46 6.34 20.61 36.07
N VAL D 47 6.37 19.41 36.67
CA VAL D 47 6.73 19.32 38.08
C VAL D 47 8.16 19.83 38.28
N VAL D 48 9.07 19.47 37.39
CA VAL D 48 10.45 19.95 37.53
C VAL D 48 10.51 21.46 37.33
N ASN D 49 9.79 22.00 36.35
CA ASN D 49 9.79 23.46 36.20
C ASN D 49 9.26 24.14 37.46
N LEU D 50 8.28 23.52 38.13
CA LEU D 50 7.82 24.03 39.42
C LEU D 50 8.93 23.99 40.45
N ILE D 51 9.60 22.84 40.57
CA ILE D 51 10.69 22.70 41.53
C ILE D 51 11.81 23.70 41.24
N LEU D 52 12.13 23.92 39.96
CA LEU D 52 13.23 24.82 39.60
C LEU D 52 12.85 26.29 39.72
N GLY D 53 11.59 26.59 40.02
CA GLY D 53 11.13 27.95 40.19
C GLY D 53 10.75 28.67 38.92
N LYS D 54 10.53 27.93 37.83
CA LYS D 54 10.19 28.53 36.56
C LYS D 54 8.71 28.80 36.41
N VAL D 55 7.86 28.07 37.12
CA VAL D 55 6.42 28.29 37.08
C VAL D 55 5.86 28.26 38.50
N ASP D 56 4.66 28.84 38.65
CA ASP D 56 3.98 28.88 39.96
C ASP D 56 3.25 27.60 40.27
N LEU D 57 2.73 26.92 39.26
CA LEU D 57 1.90 25.74 39.42
C LEU D 57 2.27 24.76 38.33
N SER D 58 2.22 23.46 38.64
CA SER D 58 2.28 22.47 37.59
C SER D 58 0.97 21.71 37.55
N ALA D 59 0.38 21.64 36.36
CA ALA D 59 -0.73 20.73 36.16
C ALA D 59 -0.20 19.31 36.10
N SER D 60 -0.82 18.39 36.84
CA SER D 60 -0.35 17.01 36.87
C SER D 60 -1.52 16.04 36.73
N SER D 61 -1.34 15.03 35.88
CA SER D 61 -2.37 14.01 35.71
C SER D 61 -2.03 12.71 36.44
N ARG D 62 -1.18 12.79 37.47
CA ARG D 62 -0.91 11.63 38.30
C ARG D 62 -0.56 12.13 39.70
N PRO D 63 -0.61 11.25 40.70
CA PRO D 63 -0.45 11.72 42.09
C PRO D 63 0.95 12.23 42.39
N LEU D 64 1.00 13.22 43.30
CA LEU D 64 2.26 13.68 43.88
C LEU D 64 2.98 12.52 44.56
N THR D 65 4.28 12.39 44.30
CA THR D 65 5.04 11.33 44.96
C THR D 65 5.65 11.83 46.27
N SER D 66 6.06 10.87 47.12
CA SER D 66 6.74 11.26 48.35
C SER D 66 8.03 11.99 48.06
N GLN D 67 8.73 11.62 46.99
CA GLN D 67 9.98 12.29 46.64
C GLN D 67 9.74 13.73 46.22
N GLU D 68 8.61 14.00 45.57
CA GLU D 68 8.25 15.36 45.19
C GLU D 68 7.74 16.15 46.39
N GLN D 69 6.94 15.51 47.24
CA GLN D 69 6.47 16.21 48.42
C GLN D 69 7.64 16.64 49.30
N ALA D 70 8.71 15.83 49.32
CA ALA D 70 9.90 16.13 50.10
C ALA D 70 10.63 17.35 49.60
N GLN D 71 10.37 17.80 48.37
CA GLN D 71 11.00 19.01 47.86
C GLN D 71 10.15 20.24 48.09
N GLY D 72 9.17 20.16 49.01
CA GLY D 72 8.37 21.31 49.37
C GLY D 72 7.13 21.49 48.54
N LEU D 73 6.59 20.42 47.97
CA LEU D 73 5.40 20.50 47.13
C LEU D 73 4.17 19.97 47.83
N ALA D 74 3.01 20.46 47.40
CA ALA D 74 1.72 19.92 47.79
C ALA D 74 0.85 19.88 46.54
N ALA D 75 -0.25 19.13 46.62
CA ALA D 75 -1.15 18.94 45.49
C ALA D 75 -2.58 19.18 45.93
N VAL D 76 -3.37 19.72 45.01
CA VAL D 76 -4.81 19.84 45.25
C VAL D 76 -5.53 19.23 44.06
N PRO D 77 -6.44 18.29 44.28
CA PRO D 77 -7.21 17.76 43.15
C PRO D 77 -8.22 18.79 42.68
N VAL D 78 -8.31 18.97 41.37
CA VAL D 78 -9.23 19.94 40.79
C VAL D 78 -10.22 19.33 39.83
N ALA D 79 -10.00 18.09 39.38
CA ALA D 79 -10.87 17.46 38.39
C ALA D 79 -10.55 15.98 38.38
N SER D 80 -11.33 15.24 37.59
CA SER D 80 -11.08 13.84 37.28
C SER D 80 -11.33 13.63 35.79
N ASP D 81 -10.66 12.63 35.23
CA ASP D 81 -10.91 12.27 33.85
C ASP D 81 -10.77 10.76 33.72
N THR D 82 -10.94 10.29 32.49
CA THR D 82 -10.71 8.90 32.17
C THR D 82 -9.76 8.84 30.99
N ILE D 83 -9.11 7.70 30.84
CA ILE D 83 -8.16 7.45 29.76
C ILE D 83 -8.80 6.52 28.75
N ALA D 84 -8.96 6.99 27.52
CA ALA D 84 -9.52 6.15 26.46
C ALA D 84 -8.43 5.31 25.81
N VAL D 85 -8.81 4.11 25.41
CA VAL D 85 -8.01 3.25 24.54
C VAL D 85 -8.52 3.44 23.12
N MET D 86 -7.60 3.56 22.16
CA MET D 86 -7.98 3.87 20.78
C MET D 86 -7.27 2.95 19.80
N VAL D 87 -7.99 2.64 18.72
CA VAL D 87 -7.41 2.06 17.52
C VAL D 87 -7.84 2.94 16.36
N GLY D 88 -7.26 2.69 15.19
CA GLY D 88 -7.71 3.41 14.02
C GLY D 88 -9.10 2.98 13.62
N ARG D 89 -9.86 3.93 13.08
CA ARG D 89 -11.20 3.60 12.57
C ARG D 89 -11.11 2.60 11.43
N GLN D 90 -9.98 2.56 10.72
CA GLN D 90 -9.80 1.60 9.63
C GLN D 90 -9.34 0.23 10.12
N ASN D 91 -9.04 0.09 11.40
CA ASN D 91 -8.65 -1.20 11.94
C ASN D 91 -9.86 -2.12 11.88
N PRO D 92 -9.78 -3.27 11.20
CA PRO D 92 -10.96 -4.15 11.12
C PRO D 92 -11.34 -4.79 12.45
N PHE D 93 -10.50 -4.71 13.48
CA PHE D 93 -10.93 -5.11 14.81
C PHE D 93 -12.01 -4.15 15.26
N ALA D 94 -13.18 -4.70 15.61
CA ALA D 94 -14.38 -3.92 15.82
C ALA D 94 -14.83 -3.83 17.27
N GLY D 95 -14.49 -4.81 18.10
CA GLY D 95 -15.04 -4.92 19.43
C GLY D 95 -14.24 -4.23 20.50
N GLY D 96 -14.39 -4.72 21.73
CA GLY D 96 -13.70 -4.18 22.88
C GLY D 96 -12.71 -5.16 23.47
N LEU D 97 -12.14 -4.76 24.60
CA LEU D 97 -11.14 -5.56 25.28
C LEU D 97 -11.48 -5.64 26.76
N THR D 98 -11.22 -6.79 27.37
CA THR D 98 -11.21 -6.85 28.81
C THR D 98 -9.91 -6.24 29.34
N SER D 99 -9.90 -5.93 30.64
CA SER D 99 -8.68 -5.45 31.27
C SER D 99 -7.53 -6.44 31.12
N ALA D 100 -7.83 -7.75 31.22
CA ALA D 100 -6.79 -8.75 31.07
C ALA D 100 -6.24 -8.77 29.64
N GLN D 101 -7.12 -8.68 28.63
CA GLN D 101 -6.65 -8.63 27.26
C GLN D 101 -5.81 -7.38 27.02
N LEU D 102 -6.26 -6.24 27.54
CA LEU D 102 -5.53 -5.00 27.34
C LEU D 102 -4.12 -5.09 27.91
N ARG D 103 -3.99 -5.65 29.13
CA ARG D 103 -2.68 -5.86 29.72
C ARG D 103 -1.80 -6.74 28.84
N ASP D 104 -2.36 -7.86 28.39
CA ASP D 104 -1.57 -8.82 27.59
C ASP D 104 -1.10 -8.21 26.28
N ILE D 105 -1.89 -7.31 25.68
CA ILE D 105 -1.43 -6.63 24.47
C ILE D 105 -0.22 -5.76 24.79
N PHE D 106 -0.30 -4.98 25.84
CA PHE D 106 0.78 -4.05 26.10
C PHE D 106 2.02 -4.70 26.71
N THR D 107 1.90 -5.92 27.23
CA THR D 107 3.07 -6.69 27.65
C THR D 107 3.66 -7.54 26.53
N GLY D 108 2.96 -7.70 25.41
CA GLY D 108 3.42 -8.58 24.37
C GLY D 108 2.97 -10.01 24.51
N LYS D 109 2.28 -10.35 25.62
CA LYS D 109 1.70 -11.68 25.76
C LYS D 109 0.74 -12.00 24.62
N ILE D 110 -0.09 -11.03 24.24
CA ILE D 110 -0.92 -11.10 23.04
C ILE D 110 -0.26 -10.23 21.98
N SER D 111 0.01 -10.81 20.80
CA SER D 111 0.72 -10.08 19.75
C SER D 111 0.01 -10.09 18.40
N ASN D 112 -1.18 -10.67 18.31
CA ASN D 112 -1.92 -10.74 17.07
C ASN D 112 -3.36 -10.37 17.37
N TRP D 113 -3.96 -9.50 16.52
CA TRP D 113 -5.34 -9.09 16.75
C TRP D 113 -6.30 -10.27 16.75
N SER D 114 -5.94 -11.38 16.09
CA SER D 114 -6.83 -12.53 16.07
C SER D 114 -7.04 -13.12 17.46
N GLU D 115 -6.12 -12.87 18.40
CA GLU D 115 -6.25 -13.39 19.76
C GLU D 115 -7.36 -12.69 20.54
N VAL D 116 -7.84 -11.54 20.07
CA VAL D 116 -8.94 -10.85 20.72
C VAL D 116 -10.15 -10.73 19.80
N GLY D 117 -10.21 -11.57 18.76
CA GLY D 117 -11.36 -11.64 17.89
C GLY D 117 -11.27 -10.84 16.61
N GLY D 118 -10.14 -10.18 16.36
CA GLY D 118 -9.95 -9.42 15.14
C GLY D 118 -9.33 -10.25 14.05
N PRO D 119 -8.83 -9.59 13.01
CA PRO D 119 -8.16 -10.30 11.91
C PRO D 119 -6.77 -10.74 12.32
N ASN D 120 -6.18 -11.60 11.50
CA ASN D 120 -4.82 -12.07 11.71
C ASN D 120 -3.86 -10.97 11.26
N ASN D 121 -3.53 -10.07 12.18
CA ASN D 121 -2.59 -9.00 11.88
C ASN D 121 -1.76 -8.67 13.11
N THR D 122 -0.49 -8.34 12.90
CA THR D 122 0.37 -7.92 14.00
C THR D 122 -0.15 -6.66 14.64
N ILE D 123 -0.08 -6.60 15.96
CA ILE D 123 -0.46 -5.41 16.71
C ILE D 123 0.73 -4.46 16.76
N GLN D 124 0.52 -3.21 16.37
CA GLN D 124 1.52 -2.16 16.56
C GLN D 124 1.15 -1.46 17.86
N VAL D 125 1.96 -1.64 18.89
CA VAL D 125 1.69 -1.02 20.16
C VAL D 125 2.39 0.33 20.17
N ILE D 126 1.62 1.39 20.40
CA ILE D 126 2.12 2.76 20.35
C ILE D 126 2.05 3.31 21.77
N ASN D 127 3.21 3.55 22.35
CA ASN D 127 3.31 3.97 23.73
C ASN D 127 3.60 5.47 23.80
N ARG D 128 3.14 6.09 24.87
CA ARG D 128 3.51 7.46 25.18
C ARG D 128 4.86 7.47 25.91
N PRO D 129 5.61 8.57 25.87
CA PRO D 129 6.86 8.60 26.64
C PRO D 129 6.54 8.64 28.13
N SER D 130 7.53 8.22 28.92
CA SER D 130 7.27 8.04 30.35
C SER D 130 7.13 9.37 31.12
N GLU D 131 7.54 10.51 30.54
CA GLU D 131 7.32 11.78 31.20
C GLU D 131 5.85 12.14 31.26
N SER D 132 5.01 11.42 30.50
CA SER D 132 3.56 11.63 30.46
C SER D 132 2.88 11.03 31.70
N GLY D 133 2.10 11.86 32.40
CA GLY D 133 1.32 11.35 33.51
C GLY D 133 0.28 10.35 33.07
N THR D 134 -0.21 10.50 31.84
CA THR D 134 -1.12 9.52 31.27
C THR D 134 -0.42 8.18 31.06
N GLN D 135 0.82 8.21 30.56
CA GLN D 135 1.61 6.97 30.48
C GLN D 135 1.74 6.34 31.86
N GLN D 136 2.07 7.15 32.87
CA GLN D 136 2.33 6.59 34.20
C GLN D 136 1.07 5.98 34.80
N THR D 137 -0.08 6.63 34.59
CA THR D 137 -1.34 6.10 35.10
C THR D 137 -1.72 4.84 34.35
N PHE D 138 -1.56 4.84 33.03
CA PHE D 138 -1.85 3.66 32.24
C PHE D 138 -0.93 2.51 32.64
N ALA D 139 0.36 2.80 32.82
CA ALA D 139 1.28 1.76 33.27
C ALA D 139 0.83 1.19 34.60
N ALA D 140 0.44 2.05 35.54
CA ALA D 140 0.04 1.58 36.87
C ALA D 140 -1.26 0.78 36.81
N GLN D 141 -2.22 1.23 36.01
CA GLN D 141 -3.53 0.59 36.08
C GLN D 141 -3.63 -0.63 35.18
N VAL D 142 -2.86 -0.69 34.10
CA VAL D 142 -2.95 -1.78 33.14
C VAL D 142 -1.84 -2.80 33.35
N LEU D 143 -0.59 -2.36 33.47
CA LEU D 143 0.52 -3.30 33.57
C LEU D 143 0.72 -3.81 34.99
N GLN D 144 0.38 -2.99 35.99
CA GLN D 144 0.44 -3.37 37.40
C GLN D 144 1.80 -3.95 37.75
N GLY D 145 2.86 -3.25 37.35
CA GLY D 145 4.20 -3.67 37.66
C GLY D 145 4.89 -4.49 36.59
N GLN D 146 4.15 -4.98 35.60
CA GLN D 146 4.77 -5.74 34.53
C GLN D 146 5.43 -4.78 33.55
N ALA D 147 6.41 -5.29 32.81
CA ALA D 147 7.11 -4.45 31.86
C ALA D 147 6.35 -4.35 30.56
N PHE D 148 6.45 -3.20 29.91
CA PHE D 148 5.96 -3.06 28.55
C PHE D 148 6.69 -4.04 27.65
N GLY D 149 5.99 -4.57 26.66
CA GLY D 149 6.64 -5.40 25.67
C GLY D 149 7.66 -4.62 24.86
N GLN D 150 8.59 -5.35 24.26
CA GLN D 150 9.57 -4.74 23.37
C GLN D 150 9.64 -5.54 22.09
N GLY D 151 10.30 -4.96 21.09
CA GLY D 151 10.46 -5.55 19.79
C GLY D 151 9.91 -4.66 18.70
N ALA D 152 10.01 -5.16 17.47
CA ALA D 152 9.81 -4.32 16.30
C ALA D 152 8.41 -3.74 16.23
N ASN D 153 7.43 -4.37 16.87
CA ASN D 153 6.05 -3.90 16.82
C ASN D 153 5.69 -2.96 17.96
N PHE D 154 6.63 -2.67 18.86
CA PHE D 154 6.39 -1.71 19.94
C PHE D 154 7.17 -0.44 19.60
N GLN D 155 6.50 0.70 19.63
CA GLN D 155 7.18 1.98 19.42
C GLN D 155 6.75 2.95 20.51
N THR D 156 7.71 3.66 21.09
CA THR D 156 7.42 4.71 22.04
C THR D 156 7.60 6.05 21.34
N MET D 157 6.56 6.88 21.37
CA MET D 157 6.63 8.17 20.70
C MET D 157 7.65 9.07 21.38
N PRO D 158 8.32 9.95 20.63
CA PRO D 158 9.35 10.80 21.22
C PRO D 158 8.81 11.96 22.04
N ARG D 159 7.55 12.38 21.85
CA ARG D 159 7.01 13.52 22.57
C ARG D 159 5.68 13.16 23.23
N ASP D 160 5.38 13.88 24.31
CA ASP D 160 4.09 13.75 24.98
C ASP D 160 3.07 14.57 24.18
N ALA D 161 2.42 13.92 23.23
CA ALA D 161 1.54 14.60 22.29
C ALA D 161 0.59 13.59 21.66
N THR D 162 -0.71 13.88 21.70
CA THR D 162 -1.71 12.92 21.26
C THR D 162 -1.89 12.92 19.74
N THR D 163 -1.76 14.08 19.09
CA THR D 163 -1.97 14.12 17.64
C THR D 163 -1.02 13.21 16.87
N PRO D 164 0.29 13.19 17.13
CA PRO D 164 1.15 12.23 16.40
C PRO D 164 0.77 10.79 16.65
N ILE D 165 0.25 10.46 17.84
CA ILE D 165 -0.18 9.09 18.10
C ILE D 165 -1.38 8.73 17.25
N ILE D 166 -2.38 9.61 17.21
CA ILE D 166 -3.55 9.34 16.37
C ILE D 166 -3.13 9.17 14.92
N ARG D 167 -2.21 10.03 14.45
CA ARG D 167 -1.70 9.93 13.08
C ARG D 167 -1.03 8.58 12.83
N ALA D 168 -0.47 7.97 13.87
CA ALA D 168 0.29 6.71 13.74
C ALA D 168 -0.55 5.44 13.86
N LEU D 169 -1.82 5.53 14.26
CA LEU D 169 -2.59 4.32 14.59
C LEU D 169 -2.71 3.37 13.40
N GLY D 170 -3.03 3.90 12.22
CA GLY D 170 -3.21 3.06 11.05
C GLY D 170 -4.26 1.99 11.26
N SER D 171 -4.09 0.87 10.55
CA SER D 171 -5.04 -0.23 10.58
C SER D 171 -4.73 -1.29 11.63
N ASN D 172 -3.56 -1.24 12.28
CA ASN D 172 -3.20 -2.29 13.22
C ASN D 172 -2.68 -1.77 14.55
N GLY D 173 -2.64 -0.45 14.75
CA GLY D 173 -2.06 0.09 15.97
C GLY D 173 -3.08 0.33 17.08
N ILE D 174 -2.57 0.42 18.30
CA ILE D 174 -3.38 0.70 19.49
C ILE D 174 -2.59 1.64 20.40
N SER D 175 -3.28 2.58 21.04
CA SER D 175 -2.65 3.48 22.01
C SER D 175 -3.72 4.00 22.97
N TYR D 176 -3.42 5.10 23.66
CA TYR D 176 -4.33 5.61 24.68
C TYR D 176 -4.06 7.09 24.89
N ALA D 177 -5.06 7.79 25.41
CA ALA D 177 -4.97 9.23 25.66
C ALA D 177 -6.16 9.61 26.51
N THR D 178 -6.08 10.78 27.16
CA THR D 178 -7.23 11.28 27.90
C THR D 178 -8.45 11.34 27.00
N TYR D 179 -9.60 10.95 27.55
CA TYR D 179 -10.81 10.75 26.75
C TYR D 179 -11.16 11.99 25.93
N GLY D 180 -11.03 13.18 26.52
CA GLY D 180 -11.42 14.39 25.82
C GLY D 180 -10.68 14.63 24.52
N GLN D 181 -9.48 14.07 24.37
CA GLN D 181 -8.66 14.25 23.18
C GLN D 181 -8.85 13.15 22.14
N VAL D 182 -9.72 12.18 22.41
CA VAL D 182 -10.02 11.11 21.47
C VAL D 182 -11.48 11.08 21.05
N GLU D 183 -12.36 11.75 21.79
CA GLU D 183 -13.80 11.48 21.68
C GLU D 183 -14.35 11.75 20.28
N ASN D 184 -14.10 12.91 19.70
CA ASN D 184 -14.59 13.18 18.34
C ASN D 184 -13.58 12.84 17.26
N GLN D 185 -12.37 12.49 17.66
CA GLN D 185 -11.27 12.15 16.76
C GLN D 185 -11.63 10.87 16.01
N GLN D 186 -12.44 11.05 14.97
CA GLN D 186 -12.92 9.95 14.17
C GLN D 186 -11.85 9.38 13.27
N THR D 187 -10.61 9.80 13.45
CA THR D 187 -9.51 9.06 12.84
C THR D 187 -9.20 7.86 13.70
N ALA D 188 -9.77 7.84 14.91
CA ALA D 188 -9.59 6.80 15.90
C ALA D 188 -10.94 6.37 16.45
N ARG D 189 -11.02 5.11 16.82
CA ARG D 189 -12.19 4.53 17.48
C ARG D 189 -11.83 4.25 18.93
N ILE D 190 -12.72 4.66 19.83
CA ILE D 190 -12.52 4.41 21.25
C ILE D 190 -12.96 2.98 21.51
N VAL D 191 -12.09 2.21 22.17
CA VAL D 191 -12.29 0.79 22.40
C VAL D 191 -12.91 0.62 23.77
N PRO D 192 -14.11 0.06 23.89
CA PRO D 192 -14.67 -0.18 25.22
C PRO D 192 -13.82 -1.18 25.98
N ILE D 193 -13.64 -0.91 27.28
CA ILE D 193 -12.86 -1.75 28.17
C ILE D 193 -13.80 -2.32 29.21
N ASP D 194 -13.83 -3.64 29.33
CA ASP D 194 -14.76 -4.34 30.23
C ASP D 194 -16.21 -3.94 29.94
N SER D 195 -16.52 -3.81 28.65
CA SER D 195 -17.85 -3.46 28.14
C SER D 195 -18.29 -2.06 28.57
N LEU D 196 -17.35 -1.16 28.87
CA LEU D 196 -17.63 0.17 29.34
C LEU D 196 -16.92 1.22 28.50
N SER D 197 -17.61 2.32 28.24
CA SER D 197 -16.98 3.43 27.54
C SER D 197 -16.47 4.46 28.54
N PRO D 198 -15.52 5.31 28.15
CA PRO D 198 -14.85 6.19 29.13
C PRO D 198 -15.76 7.25 29.75
N ASN D 199 -16.94 7.50 29.20
CA ASN D 199 -17.88 8.40 29.84
C ASN D 199 -18.80 7.70 30.83
N GLN D 200 -18.73 6.38 30.92
CA GLN D 200 -19.63 5.58 31.72
C GLN D 200 -19.09 5.34 33.12
N GLU D 201 -20.01 5.19 34.07
CA GLU D 201 -19.61 4.97 35.45
C GLU D 201 -18.95 3.60 35.56
N ASN D 202 -17.95 3.51 36.46
CA ASN D 202 -17.13 2.34 36.75
C ASN D 202 -16.18 1.99 35.61
N TYR D 203 -16.03 2.87 34.62
CA TYR D 203 -14.99 2.66 33.62
C TYR D 203 -13.65 2.55 34.34
N PRO D 204 -12.84 1.52 34.04
CA PRO D 204 -11.72 1.21 34.94
C PRO D 204 -10.57 2.20 34.89
N LEU D 205 -10.33 2.87 33.76
CA LEU D 205 -9.14 3.73 33.63
C LEU D 205 -9.54 5.16 33.96
N ARG D 206 -9.56 5.46 35.26
CA ARG D 206 -10.01 6.75 35.77
C ARG D 206 -9.01 7.28 36.78
N ARG D 207 -8.96 8.61 36.92
CA ARG D 207 -7.93 9.21 37.76
C ARG D 207 -8.32 10.63 38.12
N GLN D 208 -7.63 11.16 39.15
CA GLN D 208 -7.77 12.57 39.50
C GLN D 208 -6.75 13.41 38.75
N LEU D 209 -7.06 14.69 38.61
CA LEU D 209 -6.18 15.68 38.00
C LEU D 209 -5.87 16.75 39.04
N PHE D 210 -4.62 17.22 39.08
CA PHE D 210 -4.15 18.05 40.17
C PHE D 210 -3.46 19.31 39.66
N TYR D 211 -3.38 20.29 40.54
CA TYR D 211 -2.31 21.28 40.49
C TYR D 211 -1.34 21.01 41.63
N PHE D 212 -0.05 21.01 41.31
CA PHE D 212 1.00 20.99 42.30
C PHE D 212 1.49 22.41 42.54
N TYR D 213 1.89 22.68 43.78
CA TYR D 213 2.39 24.00 44.11
C TYR D 213 3.44 23.86 45.21
N LYS D 214 4.24 24.90 45.37
CA LYS D 214 5.23 24.94 46.45
C LYS D 214 4.57 25.45 47.72
N THR D 215 4.91 24.83 48.84
CA THR D 215 4.45 25.21 50.19
C THR D 215 5.56 25.92 50.95
N PRO D 216 5.22 26.92 51.75
CA PRO D 216 3.90 27.53 51.89
C PRO D 216 3.60 28.32 50.62
N PRO D 217 2.33 28.45 50.27
CA PRO D 217 1.97 29.01 48.95
C PRO D 217 2.14 30.52 48.86
N SER D 218 2.57 30.97 47.69
CA SER D 218 2.63 32.40 47.39
C SER D 218 1.21 32.97 47.30
N PRO D 219 1.07 34.30 47.39
CA PRO D 219 -0.29 34.87 47.32
C PRO D 219 -1.00 34.58 46.01
N GLN D 220 -0.28 34.61 44.89
CA GLN D 220 -0.90 34.35 43.60
C GLN D 220 -1.32 32.88 43.46
N VAL D 221 -0.57 31.97 44.06
CA VAL D 221 -0.99 30.56 44.08
C VAL D 221 -2.26 30.40 44.92
N GLU D 222 -2.28 31.02 46.11
CA GLU D 222 -3.47 30.95 46.95
C GLU D 222 -4.70 31.48 46.23
N ALA D 223 -4.55 32.59 45.49
CA ALA D 223 -5.68 33.17 44.77
C ALA D 223 -6.16 32.22 43.67
N PHE D 224 -5.24 31.72 42.84
CA PHE D 224 -5.65 30.91 41.70
C PHE D 224 -6.24 29.57 42.16
N LEU D 225 -5.61 28.92 43.15
CA LEU D 225 -6.13 27.63 43.59
C LEU D 225 -7.43 27.80 44.36
N GLY D 226 -7.57 28.88 45.13
CA GLY D 226 -8.85 29.19 45.72
C GLY D 226 -9.94 29.32 44.67
N PHE D 227 -9.63 29.96 43.55
CA PHE D 227 -10.59 30.07 42.45
C PHE D 227 -10.84 28.70 41.83
N ALA D 228 -9.79 27.94 41.55
CA ALA D 228 -9.96 26.70 40.81
C ALA D 228 -10.86 25.72 41.55
N THR D 229 -10.81 25.71 42.88
CA THR D 229 -11.59 24.76 43.66
C THR D 229 -12.91 25.33 44.15
N SER D 230 -13.17 26.62 43.90
CA SER D 230 -14.45 27.22 44.24
C SER D 230 -15.54 26.74 43.27
N PRO D 231 -16.82 26.95 43.59
CA PRO D 231 -17.87 26.58 42.63
C PRO D 231 -17.72 27.25 41.27
N GLN D 232 -17.26 28.50 41.24
CA GLN D 232 -17.06 29.19 39.96
C GLN D 232 -15.93 28.56 39.16
N GLY D 233 -14.84 28.17 39.82
CA GLY D 233 -13.78 27.47 39.10
C GLY D 233 -14.22 26.10 38.63
N GLN D 234 -14.96 25.38 39.47
CA GLN D 234 -15.42 24.04 39.12
C GLN D 234 -16.40 24.08 37.95
N GLN D 235 -17.26 25.09 37.89
CA GLN D 235 -18.18 25.22 36.77
C GLN D 235 -17.43 25.52 35.48
N ALA D 236 -16.38 26.35 35.55
CA ALA D 236 -15.57 26.62 34.36
C ALA D 236 -14.90 25.35 33.85
N ILE D 237 -14.43 24.49 34.77
CA ILE D 237 -13.84 23.22 34.38
C ILE D 237 -14.88 22.31 33.71
N THR D 238 -16.10 22.28 34.25
CA THR D 238 -17.14 21.44 33.65
C THR D 238 -17.43 21.86 32.22
N ASN D 239 -17.45 23.17 31.95
CA ASN D 239 -17.74 23.65 30.61
C ASN D 239 -16.57 23.45 29.66
N ALA D 240 -15.40 23.08 30.16
CA ALA D 240 -14.25 22.81 29.32
C ALA D 240 -14.36 21.42 28.68
#